data_8JF5
#
_entry.id   8JF5
#
_cell.length_a   121.772
_cell.length_b   179.115
_cell.length_c   235.029
_cell.angle_alpha   90.00
_cell.angle_beta   90.00
_cell.angle_gamma   90.00
#
_symmetry.space_group_name_H-M   'I 2 2 2'
#
loop_
_entity.id
_entity.type
_entity.pdbx_description
1 polymer 'Lysine-specific histone demethylase 1A'
2 polymer 'REST corepressor 1'
3 non-polymer 'FLAVIN-ADENINE DINUCLEOTIDE'
4 non-polymer GLYCEROL
5 non-polymer 4-[5-[(3~{R})-3-azanylpyrrolidin-1-yl]carbonyl-2-[2-fluoranyl-4-(2-methyl-2-oxidanyl-propyl)phenyl]phenyl]-2-fluoranyl-benzenecarbonitrile
#
loop_
_entity_poly.entity_id
_entity_poly.type
_entity_poly.pdbx_seq_one_letter_code
_entity_poly.pdbx_strand_id
1 'polypeptide(L)'
;GSGVEGAAFQSRLPHDRMTSQEAACFPDIISGPQQTQKVFLFIRNRTLQLWLDNPKIQLTFEATLQQLEAPYNSDTVLVH
RVHSYLERHGLINFGIYKRIKPLPTKKTGKVIIIGSGVSGLAAARQLQSFGMDVTLLEARDRVGGRVATFRKGNYVADLG
AMVVTGLGGNPMAVVSKQVNMELAKIKQKCPLYEANGQAVPKEKDEMVEQEFNRLLEATSYLSHQLDFNVLNNKPVSLGQ
ALEVVIQLQEKHVKDEQIEHWKKIVKTQEELKELLNKMVNLKEKIKELHQQYKEASEVKPPRDITAEFLVKSKHRDLTAL
CKEYDELAETQGKLEEKLQELEANPPSDVYLSSRDRQILDWHFANLEFANATPLSTLSLKHWDQDDDFEFTGSHLTVRNG
YSCVPVALAEGLDIKLNTAVRQVRYTASGCEVIAVNTRSTSQTFIYKCDAVLCTLPLGVLKQQPPAVQFVPPLPEWKTSA
VQRMGFGNLNKVVLCFDRVFWDPSVNLFGHVGSTTASRGELFLFWNLYKAPILLALVAGEAAGIMENISDDVIVGRCLAI
LKGIFGSSAVPQPKETVVSRWRADPWARGSYSYVAAGSSGNDYDLMAQPITPGPSIPGAPQPIPRLFFAGEHTIRNYPAT
VHGALLSGLREAGRIADQFLGAM
;
A
2 'polypeptide(L)'
;MGRKPPKGMFLSQEDVEAVSANATAATTVLRQLDMELVSVKRQIQNIKQTNSALKEKLDGGIEPYRLPEVIQKCNARWTT
EEQLLAVQAIRKYGRDFQAISDVIGNKSVVQVKNFFVNYRRRFNIDEVLQEWEAE
;
B
#
# COMPACT_ATOMS: atom_id res chain seq x y z
N SER A 2 4.86 20.41 28.37
CA SER A 2 5.62 21.39 27.53
C SER A 2 4.71 22.62 27.26
N GLY A 3 3.52 22.41 26.64
CA GLY A 3 2.49 23.46 26.45
C GLY A 3 2.88 24.69 25.59
N VAL A 4 4.01 25.34 25.94
CA VAL A 4 4.69 26.34 25.08
C VAL A 4 5.35 25.63 23.87
N GLU A 5 5.88 24.42 24.07
CA GLU A 5 6.35 23.56 22.95
C GLU A 5 5.22 23.00 22.04
N GLY A 6 4.00 22.98 22.56
CA GLY A 6 2.81 22.57 21.84
C GLY A 6 2.40 23.63 20.87
N ALA A 7 2.75 24.88 21.16
CA ALA A 7 2.62 25.98 20.18
C ALA A 7 3.63 25.88 19.05
N ALA A 8 4.87 25.54 19.35
CA ALA A 8 5.84 25.23 18.29
C ALA A 8 5.28 24.13 17.37
N PHE A 9 4.76 23.07 17.99
CA PHE A 9 4.22 21.98 17.20
C PHE A 9 3.05 22.50 16.37
N GLN A 10 2.16 23.24 17.01
CA GLN A 10 0.94 23.71 16.34
C GLN A 10 1.31 24.72 15.26
N SER A 11 2.45 25.39 15.42
CA SER A 11 3.03 26.24 14.36
C SER A 11 4.00 25.49 13.42
N ARG A 12 3.91 24.16 13.37
CA ARG A 12 4.78 23.31 12.54
C ARG A 12 6.29 23.55 12.72
N LEU A 13 6.70 24.01 13.90
CA LEU A 13 8.12 24.20 14.19
C LEU A 13 8.58 23.33 15.34
N PRO A 14 9.84 22.96 15.29
CA PRO A 14 10.47 22.21 16.35
C PRO A 14 10.87 23.08 17.51
N HIS A 15 10.24 22.90 18.66
CA HIS A 15 10.54 23.70 19.88
C HIS A 15 11.99 23.74 20.34
N ASP A 16 12.77 22.71 20.05
CA ASP A 16 14.11 22.63 20.60
C ASP A 16 15.22 23.03 19.65
N ARG A 17 14.93 23.31 18.40
CA ARG A 17 15.99 23.72 17.50
C ARG A 17 15.54 24.92 16.65
N MET A 18 16.52 25.66 16.16
CA MET A 18 16.19 26.75 15.28
C MET A 18 16.12 26.21 13.85
N THR A 19 15.09 26.67 13.09
CA THR A 19 14.84 26.21 11.68
C THR A 19 15.81 26.76 10.68
N SER A 20 15.87 26.18 9.47
CA SER A 20 16.94 26.52 8.52
C SER A 20 16.68 27.80 7.74
N GLN A 21 16.36 28.91 8.41
CA GLN A 21 15.25 29.83 8.01
C GLN A 21 14.89 30.87 9.11
N GLU A 22 15.14 30.49 10.33
CA GLU A 22 15.34 31.40 11.40
C GLU A 22 16.83 31.76 11.26
N ALA A 23 17.66 30.74 11.11
CA ALA A 23 19.06 30.88 10.71
C ALA A 23 19.31 31.87 9.63
N ALA A 24 18.37 31.84 8.69
CA ALA A 24 18.27 32.84 7.66
C ALA A 24 18.56 34.21 8.16
N CYS A 25 17.77 34.64 9.15
CA CYS A 25 17.70 36.01 9.63
C CYS A 25 17.83 36.11 11.17
N PHE A 26 18.53 35.16 11.74
CA PHE A 26 19.07 35.36 13.05
C PHE A 26 20.43 34.66 13.03
N PRO A 27 21.18 34.83 11.94
CA PRO A 27 22.49 34.15 11.77
C PRO A 27 23.50 34.54 12.80
N ASP A 28 23.31 35.70 13.39
CA ASP A 28 23.98 35.99 14.62
C ASP A 28 23.70 34.86 15.65
N ILE A 29 22.44 34.64 16.02
CA ILE A 29 22.06 33.89 17.24
C ILE A 29 22.49 32.42 17.24
N ILE A 30 22.01 31.77 16.18
CA ILE A 30 22.47 30.46 15.75
C ILE A 30 24.00 30.32 15.47
N SER A 31 24.75 31.34 15.06
CA SER A 31 26.24 31.19 14.92
C SER A 31 26.91 31.12 16.27
N GLY A 32 26.23 31.75 17.22
CA GLY A 32 26.77 32.03 18.48
C GLY A 32 26.34 31.04 19.51
N PRO A 33 26.61 31.34 20.78
CA PRO A 33 26.29 30.62 22.00
C PRO A 33 24.87 30.09 22.24
N GLN A 34 24.84 28.88 22.80
CA GLN A 34 23.61 28.17 23.06
C GLN A 34 22.64 28.79 24.08
N GLN A 35 23.09 29.64 25.02
CA GLN A 35 22.14 30.21 26.01
C GLN A 35 21.24 31.07 25.17
N THR A 36 21.88 31.99 24.43
CA THR A 36 21.14 32.87 23.52
C THR A 36 20.15 32.03 22.68
N GLN A 37 20.58 30.94 22.06
CA GLN A 37 19.62 30.11 21.31
C GLN A 37 18.42 29.67 22.17
N LYS A 38 18.66 29.10 23.37
CA LYS A 38 17.54 28.54 24.16
C LYS A 38 16.59 29.70 24.53
N VAL A 39 17.15 30.89 24.71
CA VAL A 39 16.26 32.04 25.00
C VAL A 39 15.43 32.39 23.75
N PHE A 40 16.14 32.54 22.63
CA PHE A 40 15.50 32.83 21.34
C PHE A 40 14.28 31.96 21.21
N LEU A 41 14.53 30.67 21.42
CA LEU A 41 13.51 29.70 21.17
C LEU A 41 12.36 29.95 22.12
N PHE A 42 12.63 30.24 23.40
CA PHE A 42 11.52 30.48 24.35
C PHE A 42 10.60 31.57 23.79
N ILE A 43 11.25 32.66 23.36
CA ILE A 43 10.55 33.88 23.02
C ILE A 43 9.67 33.54 21.85
N ARG A 44 10.31 32.88 20.87
CA ARG A 44 9.67 32.41 19.65
C ARG A 44 8.40 31.61 19.96
N ASN A 45 8.59 30.57 20.75
CA ASN A 45 7.52 29.65 21.08
C ASN A 45 6.47 30.39 21.91
N ARG A 46 6.91 31.13 22.93
CA ARG A 46 5.96 31.90 23.75
C ARG A 46 5.09 32.84 22.88
N THR A 47 5.79 33.68 22.13
CA THR A 47 5.17 34.65 21.29
C THR A 47 4.08 33.98 20.44
N LEU A 48 4.40 32.77 19.95
CA LEU A 48 3.44 31.95 19.20
C LEU A 48 2.28 31.58 20.06
N GLN A 49 2.58 31.03 21.24
CA GLN A 49 1.58 30.54 22.19
C GLN A 49 0.58 31.61 22.51
N LEU A 50 1.10 32.82 22.62
CA LEU A 50 0.24 33.96 22.87
C LEU A 50 -0.78 34.17 21.79
N TRP A 51 -0.26 34.32 20.56
CA TRP A 51 -1.09 34.43 19.35
C TRP A 51 -2.11 33.31 19.29
N LEU A 52 -1.67 32.10 19.60
CA LEU A 52 -2.53 30.95 19.46
C LEU A 52 -3.59 31.04 20.55
N ASP A 53 -3.11 31.07 21.81
CA ASP A 53 -3.98 31.09 22.99
C ASP A 53 -5.14 32.16 22.76
N ASN A 54 -4.95 33.16 21.89
CA ASN A 54 -6.10 33.89 21.33
C ASN A 54 -5.85 34.61 19.98
N PRO A 55 -6.36 34.04 18.88
CA PRO A 55 -6.00 34.45 17.55
C PRO A 55 -7.04 35.30 16.87
N LYS A 56 -7.99 35.83 17.62
CA LYS A 56 -9.00 36.67 17.00
C LYS A 56 -8.68 38.14 17.25
N ILE A 57 -7.52 38.43 17.86
CA ILE A 57 -7.03 39.81 18.00
C ILE A 57 -5.55 39.85 17.77
N GLN A 58 -5.16 40.97 17.16
CA GLN A 58 -3.79 41.20 16.77
C GLN A 58 -2.93 41.22 18.03
N LEU A 59 -1.76 40.63 17.90
CA LEU A 59 -0.76 40.63 18.90
C LEU A 59 0.39 41.56 18.45
N THR A 60 0.33 42.79 18.98
CA THR A 60 1.41 43.76 18.96
C THR A 60 2.69 43.29 19.66
N PHE A 61 3.78 43.99 19.40
CA PHE A 61 5.03 43.89 20.19
C PHE A 61 4.89 44.27 21.67
N GLU A 62 4.14 45.32 21.94
CA GLU A 62 3.81 45.76 23.29
C GLU A 62 3.18 44.60 24.02
N ALA A 63 2.13 44.04 23.41
CA ALA A 63 1.42 42.92 24.00
C ALA A 63 2.36 41.75 24.36
N THR A 64 3.29 41.42 23.46
CA THR A 64 4.22 40.30 23.69
C THR A 64 5.26 40.58 24.77
N LEU A 65 5.68 41.83 24.86
CA LEU A 65 6.61 42.22 25.91
C LEU A 65 5.84 42.23 27.25
N GLN A 66 4.75 43.02 27.35
CA GLN A 66 3.95 43.08 28.60
C GLN A 66 3.77 41.65 29.19
N GLN A 67 3.62 40.65 28.31
CA GLN A 67 3.35 39.26 28.72
C GLN A 67 4.58 38.37 28.93
N LEU A 68 5.80 38.82 28.61
CA LEU A 68 7.04 38.06 28.92
C LEU A 68 7.59 38.46 30.28
N GLU A 69 7.80 37.49 31.17
CA GLU A 69 8.58 37.73 32.42
C GLU A 69 10.05 37.69 32.00
N ALA A 70 10.87 38.50 32.67
CA ALA A 70 12.34 38.40 32.57
C ALA A 70 12.73 36.97 33.02
N PRO A 71 13.92 36.45 32.69
CA PRO A 71 15.03 37.13 31.96
C PRO A 71 14.83 37.41 30.46
N TYR A 72 13.67 37.04 29.91
CA TYR A 72 13.39 37.19 28.50
C TYR A 72 12.87 38.60 28.23
N ASN A 73 12.00 39.13 29.13
CA ASN A 73 11.64 40.60 29.25
C ASN A 73 12.84 41.48 28.95
N SER A 74 14.03 41.07 29.43
CA SER A 74 15.24 41.89 29.29
C SER A 74 15.75 42.30 27.90
N ASP A 75 16.03 41.38 26.96
CA ASP A 75 16.63 41.81 25.66
C ASP A 75 15.56 42.40 24.77
N THR A 76 15.21 43.65 25.04
CA THR A 76 14.05 44.24 24.42
C THR A 76 14.17 44.32 22.90
N VAL A 77 15.38 44.48 22.37
CA VAL A 77 15.54 44.52 20.91
C VAL A 77 15.24 43.19 20.22
N LEU A 78 15.82 42.09 20.67
CA LEU A 78 15.61 40.84 19.96
C LEU A 78 14.16 40.33 20.10
N VAL A 79 13.43 40.68 21.16
CA VAL A 79 12.00 40.36 21.20
C VAL A 79 11.28 41.04 20.02
N HIS A 80 11.67 42.26 19.69
CA HIS A 80 11.13 42.93 18.51
C HIS A 80 11.51 42.09 17.27
N ARG A 81 12.79 41.77 17.12
CA ARG A 81 13.30 40.94 15.98
C ARG A 81 12.50 39.67 15.70
N VAL A 82 12.28 38.89 16.77
CA VAL A 82 11.41 37.69 16.78
C VAL A 82 9.97 38.01 16.37
N HIS A 83 9.31 38.90 17.10
CA HIS A 83 7.93 39.25 16.76
C HIS A 83 7.80 39.70 15.30
N SER A 84 8.79 40.41 14.77
CA SER A 84 8.70 40.81 13.38
C SER A 84 8.87 39.67 12.40
N TYR A 85 9.79 38.75 12.65
CA TYR A 85 9.93 37.54 11.76
C TYR A 85 8.64 36.76 11.77
N LEU A 86 8.18 36.46 12.96
CA LEU A 86 6.92 35.78 13.06
C LEU A 86 5.77 36.53 12.39
N GLU A 87 5.76 37.85 12.45
CA GLU A 87 4.62 38.57 11.91
C GLU A 87 4.55 38.48 10.39
N ARG A 88 5.75 38.44 9.79
CA ARG A 88 5.90 38.52 8.36
C ARG A 88 5.54 37.20 7.74
N HIS A 89 6.21 36.22 8.31
CA HIS A 89 6.08 34.91 7.81
C HIS A 89 4.80 34.21 8.22
N GLY A 90 3.84 34.96 8.76
CA GLY A 90 2.44 34.52 8.90
C GLY A 90 2.24 33.42 9.93
N LEU A 91 3.13 33.44 10.94
CA LEU A 91 3.05 32.47 12.04
C LEU A 91 2.13 33.00 13.11
N ILE A 92 2.01 34.32 13.14
CA ILE A 92 1.11 35.02 14.03
C ILE A 92 0.46 36.11 13.23
N ASN A 93 -0.65 36.59 13.75
CA ASN A 93 -1.34 37.66 13.11
C ASN A 93 -1.57 37.36 11.61
N PHE A 94 -2.23 36.23 11.36
CA PHE A 94 -2.68 35.85 10.01
C PHE A 94 -4.15 35.53 10.01
N GLY A 95 -4.70 35.48 8.83
CA GLY A 95 -6.12 35.21 8.68
C GLY A 95 -6.98 36.36 9.11
N ILE A 96 -7.86 36.09 10.05
CA ILE A 96 -8.82 37.08 10.47
C ILE A 96 -8.74 37.51 11.94
N TYR A 97 -8.34 38.77 12.13
CA TYR A 97 -8.16 39.38 13.45
C TYR A 97 -8.84 40.77 13.58
N LYS A 98 -8.99 41.28 14.81
CA LYS A 98 -9.25 42.72 15.09
C LYS A 98 -7.87 43.36 15.10
N ARG A 99 -7.70 44.45 14.34
CA ARG A 99 -6.43 45.18 14.27
C ARG A 99 -6.47 46.23 15.41
N ILE A 100 -5.65 46.05 16.44
CA ILE A 100 -5.36 47.12 17.40
C ILE A 100 -4.82 48.39 16.70
N LYS A 101 -3.72 48.29 15.91
CA LYS A 101 -3.21 49.41 15.04
C LYS A 101 -3.90 49.46 13.64
N PRO A 102 -4.92 50.37 13.41
CA PRO A 102 -5.58 50.44 12.06
C PRO A 102 -4.63 50.63 10.86
N LEU A 103 -5.13 50.33 9.66
CA LEU A 103 -4.32 50.28 8.43
C LEU A 103 -3.74 51.65 8.15
N PRO A 104 -2.40 51.78 8.24
CA PRO A 104 -1.86 53.06 7.73
C PRO A 104 -2.14 53.21 6.23
N THR A 105 -2.59 54.40 5.86
CA THR A 105 -2.93 54.66 4.47
C THR A 105 -1.68 55.15 3.65
N LYS A 106 -0.56 55.28 4.36
CA LYS A 106 0.76 55.17 3.74
C LYS A 106 0.89 53.81 3.02
N LYS A 107 0.26 53.66 1.85
CA LYS A 107 0.30 52.37 1.14
C LYS A 107 1.57 52.37 0.33
N THR A 108 2.22 51.23 0.19
CA THR A 108 3.60 51.18 -0.32
C THR A 108 3.91 50.01 -1.27
N GLY A 109 3.59 50.16 -2.55
CA GLY A 109 3.88 49.16 -3.60
C GLY A 109 2.56 48.62 -4.12
N LYS A 110 2.46 48.33 -5.43
CA LYS A 110 1.25 47.68 -6.01
C LYS A 110 1.62 46.27 -6.42
N VAL A 111 0.79 45.34 -5.95
CA VAL A 111 0.88 43.95 -6.27
C VAL A 111 -0.41 43.54 -6.87
N ILE A 112 -0.36 43.03 -8.09
CA ILE A 112 -1.46 42.30 -8.66
C ILE A 112 -1.35 40.84 -8.33
N ILE A 113 -2.38 40.33 -7.64
CA ILE A 113 -2.54 38.93 -7.41
C ILE A 113 -3.57 38.34 -8.32
N ILE A 114 -3.14 37.35 -9.07
CA ILE A 114 -4.02 36.55 -9.88
C ILE A 114 -4.74 35.42 -9.09
N GLY A 115 -6.05 35.60 -8.93
CA GLY A 115 -6.99 34.54 -8.53
C GLY A 115 -7.37 34.75 -7.08
N SER A 116 -8.70 34.66 -6.76
CA SER A 116 -9.24 34.80 -5.37
C SER A 116 -9.35 33.42 -4.66
N GLY A 117 -8.52 32.44 -5.07
CA GLY A 117 -8.39 31.16 -4.36
C GLY A 117 -7.76 31.32 -3.01
N VAL A 118 -7.87 30.33 -2.13
CA VAL A 118 -7.33 30.53 -0.78
C VAL A 118 -5.87 31.03 -0.80
N SER A 119 -4.96 30.37 -1.58
CA SER A 119 -3.57 30.83 -1.90
C SER A 119 -3.60 32.34 -2.04
N GLY A 120 -4.39 32.80 -3.02
CA GLY A 120 -4.50 34.26 -3.25
C GLY A 120 -4.87 35.11 -2.03
N LEU A 121 -6.03 34.85 -1.47
CA LEU A 121 -6.60 35.68 -0.46
C LEU A 121 -5.73 35.70 0.75
N ALA A 122 -5.05 34.61 1.00
CA ALA A 122 -4.15 34.61 2.12
C ALA A 122 -3.03 35.64 1.92
N ALA A 123 -2.24 35.49 0.86
CA ALA A 123 -1.23 36.50 0.57
C ALA A 123 -1.84 37.91 0.49
N ALA A 124 -2.95 38.06 -0.20
CA ALA A 124 -3.57 39.37 -0.31
C ALA A 124 -3.75 40.00 1.06
N ARG A 125 -4.54 39.41 1.95
CA ARG A 125 -4.68 39.98 3.27
C ARG A 125 -3.38 40.25 3.99
N GLN A 126 -2.41 39.36 3.80
CA GLN A 126 -1.12 39.44 4.50
C GLN A 126 -0.43 40.72 4.00
N LEU A 127 -0.24 40.81 2.68
CA LEU A 127 0.33 42.00 2.01
C LEU A 127 -0.36 43.31 2.38
N GLN A 128 -1.68 43.31 2.41
CA GLN A 128 -2.37 44.50 2.85
C GLN A 128 -2.09 44.74 4.33
N SER A 129 -2.21 43.76 5.23
CA SER A 129 -1.71 43.91 6.63
C SER A 129 -0.35 44.55 6.62
N PHE A 130 0.51 44.18 5.70
CA PHE A 130 1.86 44.77 5.68
C PHE A 130 1.94 46.19 5.19
N GLY A 131 0.82 46.74 4.77
CA GLY A 131 0.76 48.06 4.13
C GLY A 131 1.18 47.98 2.68
N MET A 132 0.21 47.77 1.82
CA MET A 132 0.59 47.52 0.44
C MET A 132 -0.68 47.47 -0.36
N ASP A 133 -0.57 47.87 -1.62
CA ASP A 133 -1.72 48.05 -2.45
C ASP A 133 -1.84 46.73 -3.17
N VAL A 134 -2.91 46.02 -2.84
CA VAL A 134 -3.07 44.71 -3.39
C VAL A 134 -4.36 44.69 -4.12
N THR A 135 -4.32 44.18 -5.34
CA THR A 135 -5.52 43.91 -6.05
C THR A 135 -5.52 42.55 -6.72
N LEU A 136 -6.69 41.94 -6.59
CA LEU A 136 -6.91 40.57 -6.88
C LEU A 136 -7.73 40.47 -8.15
N LEU A 137 -7.32 39.61 -9.07
CA LEU A 137 -8.00 39.42 -10.34
C LEU A 137 -8.50 38.02 -10.54
N GLU A 138 -9.81 37.86 -10.51
CA GLU A 138 -10.45 36.55 -10.46
C GLU A 138 -11.35 36.35 -11.66
N ALA A 139 -11.07 35.32 -12.46
CA ALA A 139 -11.89 34.97 -13.63
C ALA A 139 -13.36 34.63 -13.31
N ARG A 140 -13.54 34.07 -12.12
CA ARG A 140 -14.81 33.55 -11.66
C ARG A 140 -15.67 34.66 -11.22
N ASP A 141 -16.94 34.31 -10.99
CA ASP A 141 -17.92 35.25 -10.42
C ASP A 141 -18.05 35.17 -8.92
N ARG A 142 -17.11 34.52 -8.24
CA ARG A 142 -17.13 34.39 -6.77
C ARG A 142 -15.71 34.14 -6.31
N VAL A 143 -15.46 34.31 -5.01
CA VAL A 143 -14.14 33.88 -4.53
C VAL A 143 -14.03 32.38 -4.18
N GLY A 144 -12.81 31.90 -3.99
CA GLY A 144 -12.56 30.62 -3.28
C GLY A 144 -11.96 29.55 -4.18
N GLY A 145 -12.33 29.65 -5.45
CA GLY A 145 -11.95 28.67 -6.40
C GLY A 145 -12.35 27.27 -5.93
N ARG A 146 -11.36 26.40 -5.85
CA ARG A 146 -11.59 25.00 -5.57
C ARG A 146 -12.18 24.82 -4.16
N VAL A 147 -12.37 25.89 -3.38
CA VAL A 147 -13.26 25.87 -2.22
C VAL A 147 -14.61 26.40 -2.60
N ALA A 148 -15.42 25.45 -3.05
CA ALA A 148 -16.61 25.73 -3.79
C ALA A 148 -17.73 25.05 -3.06
N THR A 149 -18.70 25.84 -2.62
CA THR A 149 -19.82 25.31 -1.89
C THR A 149 -21.07 25.63 -2.64
N PHE A 150 -22.00 24.65 -2.64
CA PHE A 150 -23.34 24.73 -3.26
C PHE A 150 -24.31 25.17 -2.21
N ARG A 151 -25.32 25.98 -2.59
CA ARG A 151 -26.49 26.30 -1.70
C ARG A 151 -27.76 26.61 -2.50
N LYS A 152 -28.80 25.82 -2.26
CA LYS A 152 -30.15 26.15 -2.71
C LYS A 152 -31.06 25.82 -1.51
N GLY A 153 -31.91 26.76 -1.10
CA GLY A 153 -32.67 26.60 0.15
C GLY A 153 -31.80 26.13 1.33
N ASN A 154 -32.37 25.30 2.21
CA ASN A 154 -31.64 24.76 3.39
C ASN A 154 -30.55 23.71 3.00
N TYR A 155 -30.56 23.27 1.73
CA TYR A 155 -29.47 22.42 1.20
C TYR A 155 -28.15 23.20 1.04
N VAL A 156 -27.07 22.55 1.47
CA VAL A 156 -25.72 23.08 1.38
C VAL A 156 -24.72 21.97 1.15
N ALA A 157 -23.86 22.04 0.14
CA ALA A 157 -22.81 21.00 0.04
C ALA A 157 -21.58 21.36 -0.80
N ASP A 158 -20.41 21.24 -0.18
CA ASP A 158 -19.14 21.46 -0.86
C ASP A 158 -18.94 20.60 -2.07
N LEU A 159 -18.68 21.24 -3.19
CA LEU A 159 -18.42 20.59 -4.44
C LEU A 159 -16.95 20.47 -4.71
N GLY A 160 -16.15 21.06 -3.83
CA GLY A 160 -14.74 20.76 -3.72
C GLY A 160 -14.44 20.99 -2.26
N ALA A 161 -13.51 20.22 -1.75
CA ALA A 161 -12.80 20.53 -0.50
C ALA A 161 -13.72 20.61 0.67
N MET A 162 -13.80 19.51 1.42
CA MET A 162 -14.78 19.31 2.51
C MET A 162 -14.14 18.76 3.75
N VAL A 163 -12.91 18.33 3.67
CA VAL A 163 -12.26 17.82 4.85
C VAL A 163 -11.16 18.72 5.41
N VAL A 164 -11.03 18.62 6.72
CA VAL A 164 -9.90 19.18 7.42
C VAL A 164 -9.05 17.99 7.88
N THR A 165 -7.86 17.82 7.29
CA THR A 165 -7.09 16.62 7.46
C THR A 165 -6.34 16.67 8.75
N GLY A 166 -7.11 16.95 9.81
CA GLY A 166 -6.67 16.96 11.22
C GLY A 166 -6.34 18.34 11.69
N LEU A 167 -6.53 18.64 12.97
CA LEU A 167 -6.17 19.97 13.48
C LEU A 167 -4.74 20.12 14.05
N GLY A 168 -3.97 19.04 14.07
CA GLY A 168 -2.67 19.00 14.78
C GLY A 168 -1.50 19.62 14.06
N GLY A 169 -1.39 20.93 14.20
CA GLY A 169 -0.44 21.72 13.41
C GLY A 169 -0.99 22.20 12.08
N ASN A 170 -2.32 22.13 11.92
CA ASN A 170 -3.05 22.71 10.80
C ASN A 170 -3.27 24.19 11.08
N PRO A 171 -2.90 25.04 10.13
CA PRO A 171 -3.22 26.42 10.25
C PRO A 171 -4.70 26.60 10.28
N MET A 172 -5.41 25.77 9.54
CA MET A 172 -6.85 25.95 9.47
C MET A 172 -7.47 25.82 10.82
N ALA A 173 -6.81 25.13 11.74
CA ALA A 173 -7.23 25.17 13.15
C ALA A 173 -7.53 26.58 13.63
N VAL A 174 -6.54 27.44 13.44
CA VAL A 174 -6.63 28.88 13.72
C VAL A 174 -7.75 29.56 12.92
N VAL A 175 -7.77 29.31 11.63
CA VAL A 175 -8.72 29.96 10.80
C VAL A 175 -10.11 29.58 11.31
N SER A 176 -10.30 28.32 11.67
CA SER A 176 -11.65 27.85 11.98
C SER A 176 -12.13 28.43 13.28
N LYS A 177 -11.17 28.81 14.15
CA LYS A 177 -11.50 29.62 15.33
C LYS A 177 -11.96 31.03 14.91
N GLN A 178 -11.26 31.64 13.98
CA GLN A 178 -11.57 33.00 13.55
C GLN A 178 -12.89 33.07 12.79
N VAL A 179 -13.29 32.01 12.12
CA VAL A 179 -14.50 32.04 11.35
C VAL A 179 -15.63 31.25 11.99
N ASN A 180 -15.32 30.52 13.07
CA ASN A 180 -16.33 29.73 13.77
C ASN A 180 -17.04 28.86 12.74
N MET A 181 -16.27 27.95 12.13
CA MET A 181 -16.88 26.91 11.31
C MET A 181 -17.11 25.66 12.18
N GLU A 182 -18.33 25.13 12.10
CA GLU A 182 -18.69 23.89 12.77
C GLU A 182 -18.02 22.80 11.95
N LEU A 183 -17.01 22.17 12.57
CA LEU A 183 -16.40 20.93 12.08
C LEU A 183 -16.97 19.70 12.82
N ALA A 184 -17.12 18.59 12.11
CA ALA A 184 -17.69 17.36 12.66
C ALA A 184 -16.79 16.21 12.33
N LYS A 185 -16.58 15.30 13.28
CA LYS A 185 -15.72 14.13 13.02
C LYS A 185 -16.33 13.20 11.94
N ILE A 186 -15.63 12.14 11.56
CA ILE A 186 -16.24 11.17 10.63
C ILE A 186 -15.94 9.77 11.02
N LYS A 187 -17.01 8.97 11.13
CA LYS A 187 -17.02 7.68 11.82
C LYS A 187 -16.48 6.58 10.89
N GLN A 188 -15.25 6.15 11.16
CA GLN A 188 -14.65 4.88 10.70
C GLN A 188 -15.46 3.93 9.75
N LYS A 189 -16.66 3.48 10.19
CA LYS A 189 -17.46 2.41 9.52
C LYS A 189 -17.78 2.59 8.02
N CYS A 190 -17.18 1.77 7.14
CA CYS A 190 -17.51 1.80 5.70
C CYS A 190 -18.05 0.46 5.09
N PRO A 191 -19.35 0.21 5.26
CA PRO A 191 -20.07 -0.88 4.62
C PRO A 191 -19.95 -1.00 3.10
N LEU A 192 -19.31 -2.05 2.60
CA LEU A 192 -19.18 -2.20 1.14
C LEU A 192 -20.32 -3.04 0.52
N TYR A 193 -20.93 -2.57 -0.57
CA TYR A 193 -22.08 -3.26 -1.15
C TYR A 193 -21.78 -3.65 -2.55
N GLU A 194 -21.66 -4.94 -2.81
CA GLU A 194 -21.29 -5.42 -4.15
C GLU A 194 -22.41 -5.15 -5.15
N ALA A 195 -22.10 -5.39 -6.41
CA ALA A 195 -23.00 -5.11 -7.55
C ALA A 195 -24.48 -5.48 -7.36
N ASN A 196 -24.73 -6.59 -6.66
CA ASN A 196 -26.07 -7.01 -6.28
C ASN A 196 -26.82 -5.98 -5.41
N GLY A 197 -26.24 -5.60 -4.26
CA GLY A 197 -26.94 -4.81 -3.24
C GLY A 197 -26.92 -5.36 -1.84
N GLN A 198 -26.21 -6.46 -1.63
CA GLN A 198 -26.13 -7.12 -0.33
C GLN A 198 -24.69 -6.81 0.12
N ALA A 199 -24.55 -6.37 1.38
CA ALA A 199 -23.23 -6.08 1.99
C ALA A 199 -22.16 -7.17 1.83
N VAL A 200 -20.91 -6.75 1.84
CA VAL A 200 -19.83 -7.67 2.14
C VAL A 200 -19.95 -7.88 3.67
N PRO A 201 -19.61 -9.08 4.18
CA PRO A 201 -19.53 -9.38 5.62
C PRO A 201 -18.22 -8.95 6.26
N LYS A 202 -18.09 -8.97 7.60
CA LYS A 202 -16.73 -8.86 8.24
C LYS A 202 -15.93 -10.00 7.59
N GLU A 203 -14.94 -10.61 8.24
CA GLU A 203 -14.33 -11.84 7.66
C GLU A 203 -13.70 -11.41 6.33
N LYS A 204 -14.50 -11.38 5.23
CA LYS A 204 -14.05 -10.91 3.89
C LYS A 204 -13.58 -9.48 3.92
N ASP A 205 -14.40 -8.59 4.46
CA ASP A 205 -14.06 -7.16 4.38
C ASP A 205 -12.72 -6.95 5.01
N GLU A 206 -12.64 -7.37 6.27
CA GLU A 206 -11.40 -7.33 7.03
C GLU A 206 -10.20 -7.96 6.29
N MET A 207 -10.45 -9.09 5.62
CA MET A 207 -9.43 -9.89 4.94
C MET A 207 -8.74 -9.06 3.91
N VAL A 208 -9.57 -8.32 3.15
CA VAL A 208 -9.09 -7.62 1.98
C VAL A 208 -8.37 -6.34 2.41
N GLU A 209 -8.95 -5.50 3.28
CA GLU A 209 -8.16 -4.40 3.90
C GLU A 209 -6.77 -4.87 4.29
N GLN A 210 -6.69 -5.87 5.18
CA GLN A 210 -5.38 -6.44 5.57
C GLN A 210 -4.51 -6.68 4.30
N GLU A 211 -5.15 -7.18 3.25
CA GLU A 211 -4.41 -7.52 2.05
C GLU A 211 -3.96 -6.28 1.30
N PHE A 212 -4.89 -5.34 1.15
CA PHE A 212 -4.62 -4.03 0.55
C PHE A 212 -3.42 -3.41 1.20
N ASN A 213 -3.54 -3.27 2.51
CA ASN A 213 -2.51 -2.62 3.29
C ASN A 213 -1.22 -3.40 3.13
N ARG A 214 -1.35 -4.74 3.23
CA ARG A 214 -0.20 -5.66 3.09
C ARG A 214 0.45 -5.38 1.68
N LEU A 215 -0.42 -5.20 0.68
CA LEU A 215 -0.01 -4.97 -0.68
C LEU A 215 0.71 -3.64 -0.91
N LEU A 216 0.23 -2.57 -0.29
CA LEU A 216 0.91 -1.28 -0.38
C LEU A 216 2.26 -1.33 0.26
N GLU A 217 2.30 -1.63 1.56
CA GLU A 217 3.58 -1.81 2.22
C GLU A 217 4.50 -2.56 1.26
N ALA A 218 3.97 -3.60 0.61
CA ALA A 218 4.76 -4.41 -0.31
C ALA A 218 5.46 -3.60 -1.41
N THR A 219 4.73 -2.64 -1.98
CA THR A 219 5.28 -1.72 -3.00
C THR A 219 6.38 -0.88 -2.41
N SER A 220 6.19 -0.44 -1.17
CA SER A 220 7.17 0.41 -0.50
C SER A 220 8.49 -0.32 -0.32
N TYR A 221 8.42 -1.57 0.11
CA TYR A 221 9.60 -2.43 0.13
C TYR A 221 10.11 -2.54 -1.30
N LEU A 222 9.20 -2.88 -2.20
CA LEU A 222 9.61 -3.15 -3.56
C LEU A 222 10.48 -1.99 -4.05
N SER A 223 10.08 -0.77 -3.69
CA SER A 223 10.77 0.48 -4.05
C SER A 223 12.08 0.74 -3.29
N HIS A 224 11.96 0.92 -1.97
CA HIS A 224 13.06 1.42 -1.14
C HIS A 224 14.18 0.36 -1.04
N GLN A 225 13.79 -0.89 -0.76
CA GLN A 225 14.74 -2.00 -0.53
C GLN A 225 15.09 -2.71 -1.82
N LEU A 226 14.17 -3.43 -2.48
CA LEU A 226 14.54 -4.23 -3.69
C LEU A 226 15.02 -3.29 -4.87
N ASP A 227 14.70 -1.99 -4.77
CA ASP A 227 14.99 -0.95 -5.81
C ASP A 227 14.44 -1.28 -7.22
N PHE A 228 13.13 -1.13 -7.33
CA PHE A 228 12.37 -1.41 -8.55
C PHE A 228 11.79 -0.06 -8.96
N ASN A 229 12.67 0.85 -9.37
CA ASN A 229 12.26 2.20 -9.63
C ASN A 229 12.32 2.68 -11.08
N VAL A 230 12.79 1.83 -12.01
CA VAL A 230 12.71 2.11 -13.48
C VAL A 230 12.58 0.84 -14.35
N LEU A 231 11.40 0.28 -14.64
CA LEU A 231 11.35 -0.86 -15.59
C LEU A 231 11.51 -0.13 -16.94
N ASN A 232 12.64 -0.43 -17.60
CA ASN A 232 13.00 -0.04 -18.99
C ASN A 232 12.84 1.45 -19.34
N ASN A 233 13.83 2.23 -18.90
CA ASN A 233 13.90 3.71 -19.04
C ASN A 233 12.54 4.40 -19.16
N LYS A 234 11.73 4.19 -18.13
CA LYS A 234 10.51 4.93 -17.87
C LYS A 234 10.42 4.78 -16.32
N PRO A 235 10.10 5.86 -15.57
CA PRO A 235 9.81 5.70 -14.14
C PRO A 235 8.63 4.78 -13.87
N VAL A 236 8.62 4.22 -12.67
CA VAL A 236 7.66 3.17 -12.36
C VAL A 236 6.46 3.72 -11.65
N SER A 237 5.31 3.33 -12.13
CA SER A 237 4.05 3.73 -11.55
C SER A 237 3.83 3.04 -10.19
N LEU A 238 2.97 3.57 -9.32
CA LEU A 238 2.61 2.85 -8.11
C LEU A 238 1.84 1.69 -8.58
N GLY A 239 0.75 1.95 -9.29
CA GLY A 239 0.00 0.88 -9.98
C GLY A 239 0.80 -0.27 -10.63
N GLN A 240 1.88 0.05 -11.34
CA GLN A 240 2.79 -0.93 -11.90
C GLN A 240 3.34 -1.85 -10.81
N ALA A 241 3.84 -1.26 -9.74
CA ALA A 241 4.40 -2.04 -8.64
C ALA A 241 3.34 -2.89 -7.99
N LEU A 242 2.11 -2.39 -7.87
CA LEU A 242 1.04 -3.22 -7.37
C LEU A 242 0.76 -4.44 -8.26
N GLU A 243 0.48 -4.20 -9.55
CA GLU A 243 0.38 -5.30 -10.55
C GLU A 243 1.56 -6.31 -10.34
N VAL A 244 2.82 -5.83 -10.24
CA VAL A 244 3.93 -6.75 -10.00
C VAL A 244 3.76 -7.46 -8.66
N VAL A 245 3.68 -6.73 -7.57
CA VAL A 245 3.54 -7.39 -6.29
C VAL A 245 2.46 -8.47 -6.32
N ILE A 246 1.28 -8.10 -6.80
CA ILE A 246 0.18 -9.04 -6.88
C ILE A 246 0.56 -10.26 -7.68
N GLN A 247 1.07 -10.04 -8.88
CA GLN A 247 1.54 -11.14 -9.73
C GLN A 247 2.49 -12.11 -9.02
N LEU A 248 3.52 -11.64 -8.36
CA LEU A 248 4.37 -12.51 -7.53
C LEU A 248 3.62 -13.24 -6.42
N GLN A 249 2.58 -12.64 -5.87
CA GLN A 249 1.67 -13.38 -4.97
C GLN A 249 0.84 -14.42 -5.71
N GLU A 250 0.42 -14.17 -6.94
CA GLU A 250 -0.17 -15.21 -7.81
C GLU A 250 0.82 -16.32 -8.33
N LYS A 251 2.08 -15.96 -8.62
CA LYS A 251 3.21 -16.92 -8.59
C LYS A 251 3.23 -17.40 -7.15
N HIS A 252 4.35 -17.84 -6.59
CA HIS A 252 4.29 -18.41 -5.23
C HIS A 252 2.99 -19.28 -4.93
N VAL A 253 1.84 -18.71 -4.59
CA VAL A 253 0.59 -19.53 -4.50
C VAL A 253 0.59 -20.83 -5.34
N LYS A 254 1.10 -20.72 -6.57
CA LYS A 254 1.30 -21.84 -7.50
C LYS A 254 2.44 -22.72 -7.08
N ASP A 255 3.65 -22.17 -7.02
CA ASP A 255 4.86 -22.96 -6.65
C ASP A 255 4.68 -23.68 -5.32
N GLU A 256 3.84 -23.11 -4.44
CA GLU A 256 3.38 -23.75 -3.22
C GLU A 256 2.68 -25.05 -3.58
N GLN A 257 1.65 -24.99 -4.42
CA GLN A 257 0.98 -26.20 -4.92
C GLN A 257 1.98 -27.16 -5.63
N ILE A 258 2.68 -26.68 -6.64
CA ILE A 258 3.73 -27.48 -7.27
C ILE A 258 4.64 -28.20 -6.26
N GLU A 259 5.11 -27.56 -5.19
CA GLU A 259 5.98 -28.27 -4.26
C GLU A 259 5.25 -29.35 -3.44
N HIS A 260 3.95 -29.18 -3.20
CA HIS A 260 3.07 -30.12 -2.46
C HIS A 260 2.73 -31.37 -3.21
N TRP A 261 2.11 -31.23 -4.37
CA TRP A 261 1.97 -32.39 -5.24
C TRP A 261 3.37 -33.05 -5.56
N LYS A 262 4.39 -32.34 -6.05
CA LYS A 262 5.76 -32.95 -6.16
C LYS A 262 6.29 -33.60 -4.82
N LYS A 263 5.67 -33.31 -3.66
CA LYS A 263 5.94 -34.04 -2.37
C LYS A 263 5.12 -35.31 -2.31
N ILE A 264 3.88 -35.28 -2.80
CA ILE A 264 3.08 -36.51 -2.96
C ILE A 264 3.73 -37.59 -3.85
N VAL A 265 4.18 -37.23 -5.04
CA VAL A 265 4.82 -38.23 -5.87
C VAL A 265 6.05 -38.81 -5.17
N LYS A 266 6.93 -38.01 -4.54
CA LYS A 266 8.10 -38.61 -3.81
C LYS A 266 7.58 -39.73 -2.93
N THR A 267 6.44 -39.50 -2.28
CA THR A 267 5.74 -40.55 -1.55
C THR A 267 5.16 -41.61 -2.52
N GLN A 268 4.05 -41.36 -3.22
CA GLN A 268 3.45 -42.39 -4.10
C GLN A 268 4.53 -43.26 -4.77
N GLU A 269 5.41 -42.65 -5.55
CA GLU A 269 6.57 -43.38 -6.11
C GLU A 269 7.51 -44.14 -5.11
N GLU A 270 7.58 -43.79 -3.83
CA GLU A 270 8.34 -44.62 -2.82
C GLU A 270 7.56 -45.90 -2.55
N LEU A 271 6.25 -45.74 -2.36
CA LEU A 271 5.37 -46.85 -2.02
C LEU A 271 5.20 -47.81 -3.19
N LYS A 272 5.37 -47.32 -4.40
CA LYS A 272 5.49 -48.19 -5.56
C LYS A 272 6.81 -49.00 -5.50
N GLU A 273 7.99 -48.36 -5.47
CA GLU A 273 9.25 -49.11 -5.28
C GLU A 273 9.06 -50.21 -4.16
N LEU A 274 8.23 -49.93 -3.15
CA LEU A 274 7.86 -50.91 -2.11
C LEU A 274 6.88 -52.01 -2.51
N LEU A 275 5.73 -51.62 -3.05
CA LEU A 275 4.75 -52.62 -3.54
C LEU A 275 5.36 -53.61 -4.50
N ASN A 276 6.33 -53.19 -5.30
CA ASN A 276 7.14 -54.15 -6.02
C ASN A 276 7.94 -55.07 -5.09
N LYS A 277 8.84 -54.59 -4.22
CA LYS A 277 9.53 -55.56 -3.29
C LYS A 277 8.46 -56.53 -2.69
N MET A 278 7.29 -56.02 -2.29
CA MET A 278 6.26 -56.84 -1.62
C MET A 278 5.54 -57.86 -2.47
N VAL A 279 5.21 -57.52 -3.71
CA VAL A 279 4.63 -58.49 -4.65
C VAL A 279 5.65 -59.60 -4.98
N ASN A 280 6.91 -59.24 -5.23
CA ASN A 280 7.93 -60.21 -5.61
C ASN A 280 8.33 -61.11 -4.45
N LEU A 281 8.14 -60.65 -3.23
CA LEU A 281 8.35 -61.51 -2.08
C LEU A 281 7.26 -62.54 -2.00
N LYS A 282 6.02 -62.07 -2.03
CA LYS A 282 4.84 -62.93 -2.15
C LYS A 282 4.95 -63.98 -3.28
N GLU A 283 5.73 -63.70 -4.31
CA GLU A 283 6.08 -64.72 -5.27
C GLU A 283 7.08 -65.69 -4.65
N LYS A 284 8.28 -65.23 -4.26
CA LYS A 284 9.31 -66.10 -3.62
C LYS A 284 8.66 -66.92 -2.48
N ILE A 285 7.70 -66.34 -1.78
CA ILE A 285 6.96 -67.05 -0.73
C ILE A 285 5.94 -68.10 -1.22
N LYS A 286 4.96 -67.77 -2.10
CA LYS A 286 4.03 -68.85 -2.61
C LYS A 286 4.91 -70.07 -2.95
N GLU A 287 5.92 -69.86 -3.78
CA GLU A 287 6.85 -70.89 -4.25
C GLU A 287 7.58 -71.63 -3.17
N LEU A 288 8.42 -70.96 -2.42
CA LEU A 288 9.26 -71.63 -1.42
C LEU A 288 8.44 -72.54 -0.54
N HIS A 289 7.23 -72.08 -0.23
CA HIS A 289 6.24 -72.85 0.53
C HIS A 289 5.81 -74.18 -0.08
N GLN A 290 5.42 -74.19 -1.35
CA GLN A 290 5.20 -75.46 -2.04
C GLN A 290 6.36 -76.39 -1.72
N GLN A 291 7.58 -75.92 -1.94
CA GLN A 291 8.79 -76.75 -1.79
C GLN A 291 8.91 -77.35 -0.42
N TYR A 292 8.47 -76.60 0.58
CA TYR A 292 8.47 -77.09 1.94
C TYR A 292 7.26 -77.96 2.18
N LYS A 293 6.09 -77.70 1.57
CA LYS A 293 5.03 -78.74 1.59
C LYS A 293 5.73 -80.02 0.98
N GLU A 294 6.12 -80.01 -0.30
CA GLU A 294 6.83 -81.15 -0.95
C GLU A 294 7.87 -81.94 -0.12
N ALA A 295 8.83 -81.23 0.45
CA ALA A 295 9.86 -81.90 1.19
C ALA A 295 9.33 -82.36 2.54
N SER A 296 8.28 -81.73 3.05
CA SER A 296 7.70 -82.13 4.34
C SER A 296 6.82 -83.37 4.12
N GLU A 297 6.23 -83.47 2.91
CA GLU A 297 5.40 -84.63 2.50
C GLU A 297 6.20 -85.92 2.65
N VAL A 298 7.40 -85.99 2.06
CA VAL A 298 8.36 -87.10 2.28
C VAL A 298 8.43 -87.57 3.73
N LYS A 299 7.50 -88.44 4.13
CA LYS A 299 7.26 -88.78 5.54
C LYS A 299 8.44 -89.66 6.11
N PRO A 300 8.69 -89.59 7.43
CA PRO A 300 9.90 -90.13 8.02
C PRO A 300 9.70 -91.59 8.45
N PRO A 301 10.75 -92.35 8.80
CA PRO A 301 12.10 -91.90 9.10
C PRO A 301 12.81 -91.28 7.90
N ARG A 302 13.68 -90.28 8.10
CA ARG A 302 14.47 -89.80 6.95
C ARG A 302 15.96 -89.59 7.19
N ASP A 303 16.72 -89.70 6.11
CA ASP A 303 18.16 -89.43 6.17
C ASP A 303 18.35 -87.95 6.30
N ILE A 304 19.51 -87.58 6.78
CA ILE A 304 19.63 -86.28 7.36
C ILE A 304 19.73 -85.16 6.36
N THR A 305 20.13 -85.49 5.14
CA THR A 305 20.06 -84.54 4.06
C THR A 305 18.63 -84.09 3.78
N ALA A 306 17.63 -84.97 3.96
CA ALA A 306 16.24 -84.54 3.73
C ALA A 306 15.47 -84.22 4.99
N GLU A 307 16.10 -84.44 6.15
CA GLU A 307 15.64 -83.77 7.35
C GLU A 307 16.08 -82.34 7.23
N PHE A 308 17.33 -82.15 6.86
CA PHE A 308 17.86 -80.82 6.60
C PHE A 308 17.07 -80.07 5.54
N LEU A 309 16.57 -80.76 4.54
CA LEU A 309 15.75 -80.06 3.57
C LEU A 309 14.49 -79.45 4.14
N VAL A 310 13.82 -80.16 5.02
CA VAL A 310 12.65 -79.59 5.65
C VAL A 310 13.12 -78.53 6.61
N LYS A 311 14.08 -78.88 7.44
CA LYS A 311 14.56 -77.95 8.43
C LYS A 311 14.96 -76.61 7.78
N SER A 312 15.77 -76.67 6.73
CA SER A 312 16.26 -75.45 6.11
C SER A 312 15.14 -74.66 5.40
N LYS A 313 14.33 -75.30 4.58
CA LYS A 313 13.19 -74.60 3.97
C LYS A 313 12.27 -73.94 5.03
N HIS A 314 12.19 -74.47 6.24
CA HIS A 314 11.27 -73.91 7.22
C HIS A 314 11.76 -72.63 7.85
N ARG A 315 13.05 -72.58 8.15
CA ARG A 315 13.75 -71.32 8.44
C ARG A 315 13.52 -70.27 7.32
N ASP A 316 13.91 -70.62 6.10
CA ASP A 316 13.89 -69.70 4.97
C ASP A 316 12.50 -69.12 4.68
N LEU A 317 11.47 -69.85 5.02
CA LEU A 317 10.14 -69.32 4.81
C LEU A 317 9.75 -68.39 5.94
N THR A 318 10.13 -68.71 7.18
CA THR A 318 9.91 -67.77 8.30
C THR A 318 10.80 -66.49 8.18
N ALA A 319 11.96 -66.58 7.53
CA ALA A 319 12.74 -65.36 7.18
C ALA A 319 11.89 -64.40 6.35
N LEU A 320 11.39 -64.91 5.24
CA LEU A 320 10.69 -64.09 4.29
C LEU A 320 9.42 -63.53 4.89
N CYS A 321 8.61 -64.32 5.55
CA CYS A 321 7.49 -63.73 6.28
C CYS A 321 7.90 -62.69 7.41
N LYS A 322 9.09 -62.78 8.05
CA LYS A 322 9.60 -61.65 8.90
C LYS A 322 9.67 -60.48 7.92
N GLU A 323 10.59 -60.58 6.96
CA GLU A 323 10.78 -59.57 5.90
C GLU A 323 9.52 -58.87 5.32
N TYR A 324 8.53 -59.63 4.87
CA TYR A 324 7.31 -59.11 4.21
C TYR A 324 6.43 -58.39 5.21
N ASP A 325 6.44 -58.86 6.45
CA ASP A 325 5.69 -58.17 7.50
C ASP A 325 6.25 -56.79 7.86
N GLU A 326 7.58 -56.64 7.83
CA GLU A 326 8.25 -55.33 7.96
C GLU A 326 7.83 -54.37 6.87
N LEU A 327 7.86 -54.90 5.65
CA LEU A 327 7.40 -54.17 4.48
C LEU A 327 5.95 -53.75 4.53
N ALA A 328 5.09 -54.40 5.30
CA ALA A 328 3.69 -53.91 5.41
C ALA A 328 3.39 -53.10 6.70
N GLU A 329 4.36 -53.02 7.63
CA GLU A 329 4.42 -51.91 8.63
C GLU A 329 4.89 -50.70 7.82
N THR A 330 6.09 -50.79 7.25
CA THR A 330 6.65 -49.78 6.34
C THR A 330 5.74 -49.40 5.16
N GLN A 331 4.59 -50.04 5.02
CA GLN A 331 3.62 -49.65 3.98
C GLN A 331 2.58 -48.64 4.49
N GLY A 332 1.97 -48.93 5.64
CA GLY A 332 1.02 -48.01 6.25
C GLY A 332 1.73 -46.77 6.79
N LYS A 333 3.02 -46.91 7.18
CA LYS A 333 3.93 -45.75 7.38
C LYS A 333 3.87 -44.79 6.15
N LEU A 334 3.79 -45.35 4.94
CA LEU A 334 3.65 -44.61 3.68
C LEU A 334 2.21 -44.27 3.30
N GLU A 335 1.21 -45.05 3.66
CA GLU A 335 -0.19 -44.63 3.40
C GLU A 335 -0.66 -43.63 4.48
N GLU A 336 0.07 -43.57 5.61
CA GLU A 336 -0.03 -42.49 6.62
C GLU A 336 0.37 -41.17 5.93
N LYS A 337 1.67 -40.95 5.62
CA LYS A 337 2.14 -39.76 4.86
C LYS A 337 1.11 -39.27 3.79
N LEU A 338 0.53 -40.16 3.00
CA LEU A 338 -0.50 -39.82 1.96
C LEU A 338 -1.94 -39.49 2.45
N GLN A 339 -2.19 -39.65 3.74
CA GLN A 339 -3.37 -39.05 4.33
C GLN A 339 -3.04 -37.62 4.68
N GLU A 340 -1.98 -37.41 5.49
CA GLU A 340 -1.47 -36.07 5.85
C GLU A 340 -1.43 -35.14 4.60
N LEU A 341 -0.72 -35.55 3.56
CA LEU A 341 -0.56 -34.68 2.39
C LEU A 341 -1.90 -34.54 1.67
N GLU A 342 -2.43 -35.61 1.07
CA GLU A 342 -3.71 -35.48 0.34
C GLU A 342 -4.84 -34.80 1.15
N ALA A 343 -4.74 -34.74 2.49
CA ALA A 343 -5.80 -34.13 3.33
C ALA A 343 -5.80 -32.62 3.34
N ASN A 344 -4.74 -32.02 3.86
CA ASN A 344 -4.63 -30.55 3.94
C ASN A 344 -3.57 -29.99 2.90
N PRO A 345 -4.09 -29.32 1.85
CA PRO A 345 -3.24 -28.87 0.76
C PRO A 345 -2.96 -27.36 0.84
N PRO A 346 -1.75 -26.90 0.46
CA PRO A 346 -1.61 -25.52 0.02
C PRO A 346 -2.81 -24.88 -0.63
N SER A 347 -2.81 -23.55 -0.60
CA SER A 347 -4.01 -22.77 -0.84
C SER A 347 -4.32 -22.74 -2.33
N ASP A 348 -5.61 -22.70 -2.63
CA ASP A 348 -6.12 -22.87 -3.99
C ASP A 348 -5.67 -21.73 -4.99
N VAL A 349 -5.81 -20.48 -4.51
CA VAL A 349 -5.87 -19.22 -5.30
C VAL A 349 -5.19 -18.08 -4.57
N TYR A 350 -4.73 -17.04 -5.27
CA TYR A 350 -4.29 -15.83 -4.53
C TYR A 350 -5.50 -15.01 -4.05
N LEU A 351 -6.37 -14.67 -5.00
CA LEU A 351 -7.48 -13.77 -4.75
C LEU A 351 -8.74 -14.29 -5.48
N SER A 352 -9.88 -14.31 -4.80
CA SER A 352 -11.16 -14.60 -5.50
C SER A 352 -11.38 -13.52 -6.55
N SER A 353 -12.13 -13.79 -7.60
CA SER A 353 -12.62 -12.67 -8.42
C SER A 353 -13.69 -11.85 -7.64
N ARG A 354 -14.27 -12.41 -6.59
CA ARG A 354 -15.13 -11.63 -5.69
C ARG A 354 -14.27 -10.77 -4.75
N ASP A 355 -13.10 -11.27 -4.38
CA ASP A 355 -12.12 -10.51 -3.63
C ASP A 355 -11.45 -9.43 -4.56
N ARG A 356 -10.68 -9.84 -5.61
CA ARG A 356 -9.93 -8.88 -6.51
C ARG A 356 -10.84 -7.71 -6.91
N GLN A 357 -12.16 -7.92 -6.91
CA GLN A 357 -13.24 -6.90 -7.02
C GLN A 357 -13.44 -5.90 -5.90
N ILE A 358 -13.39 -6.38 -4.67
CA ILE A 358 -13.42 -5.58 -3.42
C ILE A 358 -12.06 -4.85 -3.25
N LEU A 359 -10.96 -5.57 -3.49
CA LEU A 359 -9.64 -4.98 -3.59
C LEU A 359 -9.62 -3.82 -4.58
N ASP A 360 -10.37 -3.93 -5.67
CA ASP A 360 -10.48 -2.83 -6.59
C ASP A 360 -11.11 -1.62 -5.86
N TRP A 361 -12.14 -1.79 -5.07
CA TRP A 361 -12.66 -0.69 -4.25
C TRP A 361 -11.68 -0.09 -3.27
N HIS A 362 -10.83 -0.90 -2.68
CA HIS A 362 -9.80 -0.30 -1.83
C HIS A 362 -8.81 0.56 -2.62
N PHE A 363 -8.51 0.13 -3.83
CA PHE A 363 -7.75 0.97 -4.73
C PHE A 363 -8.54 2.21 -5.17
N ALA A 364 -9.81 2.09 -5.51
CA ALA A 364 -10.57 3.28 -5.92
C ALA A 364 -10.52 4.34 -4.84
N ASN A 365 -10.78 3.94 -3.60
CA ASN A 365 -10.53 4.85 -2.49
C ASN A 365 -9.17 5.55 -2.58
N LEU A 366 -8.08 4.81 -2.80
CA LEU A 366 -6.78 5.43 -3.05
C LEU A 366 -6.76 6.37 -4.23
N GLU A 367 -7.34 5.96 -5.36
CA GLU A 367 -7.32 6.81 -6.57
C GLU A 367 -8.08 8.11 -6.31
N PHE A 368 -9.02 8.04 -5.39
CA PHE A 368 -9.79 9.19 -5.01
C PHE A 368 -9.00 10.24 -4.26
N ALA A 369 -8.41 9.84 -3.15
CA ALA A 369 -7.65 10.79 -2.37
C ALA A 369 -6.45 11.34 -3.12
N ASN A 370 -5.85 10.57 -3.99
CA ASN A 370 -4.71 11.09 -4.75
C ASN A 370 -5.13 11.77 -6.03
N ALA A 371 -6.43 11.69 -6.27
CA ALA A 371 -7.09 12.21 -7.44
C ALA A 371 -6.36 11.84 -8.76
N THR A 372 -6.04 10.58 -8.90
CA THR A 372 -5.44 10.15 -10.11
C THR A 372 -5.43 8.62 -10.14
N PRO A 373 -5.46 8.09 -11.33
CA PRO A 373 -5.11 6.74 -11.54
C PRO A 373 -3.77 6.34 -10.98
N LEU A 374 -3.77 5.24 -10.24
CA LEU A 374 -2.55 4.72 -9.64
C LEU A 374 -1.49 4.51 -10.74
N SER A 375 -1.94 4.43 -12.00
CA SER A 375 -1.12 4.27 -13.21
C SER A 375 -0.07 5.30 -13.35
N THR A 376 -0.33 6.42 -12.68
CA THR A 376 0.32 7.72 -12.87
C THR A 376 1.17 8.20 -11.68
N LEU A 377 0.78 7.78 -10.45
CA LEU A 377 1.53 8.11 -9.22
C LEU A 377 2.95 7.62 -9.31
N SER A 378 3.89 8.47 -8.95
CA SER A 378 5.23 8.01 -8.77
C SER A 378 5.27 6.94 -7.71
N LEU A 379 5.95 5.85 -8.01
CA LEU A 379 6.26 4.92 -6.96
C LEU A 379 7.20 5.55 -5.93
N LYS A 380 8.44 6.00 -6.29
CA LYS A 380 9.40 6.55 -5.23
C LYS A 380 8.71 7.62 -4.36
N HIS A 381 7.83 8.42 -4.96
CA HIS A 381 7.42 9.67 -4.34
C HIS A 381 5.98 9.98 -4.05
N TRP A 382 5.06 9.14 -4.46
CA TRP A 382 3.66 9.50 -4.25
C TRP A 382 3.29 9.89 -2.82
N ASP A 383 3.86 9.20 -1.84
CA ASP A 383 3.49 9.43 -0.44
C ASP A 383 4.43 10.44 0.25
N GLN A 384 5.28 11.13 -0.50
CA GLN A 384 6.27 12.04 0.12
C GLN A 384 5.69 13.09 1.13
N ASP A 385 4.50 13.58 0.87
CA ASP A 385 3.79 14.36 1.87
C ASP A 385 3.38 13.66 3.19
N ASP A 386 3.77 12.39 3.39
CA ASP A 386 3.23 11.58 4.50
C ASP A 386 3.95 11.83 5.80
N ASP A 387 5.20 12.31 5.77
CA ASP A 387 5.85 12.64 7.04
C ASP A 387 5.19 13.81 7.75
N PHE A 388 4.34 14.56 7.09
CA PHE A 388 3.90 15.86 7.59
C PHE A 388 2.45 15.92 7.90
N GLU A 389 1.80 14.77 7.82
CA GLU A 389 0.36 14.69 8.02
C GLU A 389 0.04 15.19 9.40
N PHE A 390 -1.14 15.77 9.59
CA PHE A 390 -1.43 16.34 10.91
C PHE A 390 -1.73 15.25 11.95
N THR A 391 -1.77 15.62 13.23
CA THR A 391 -2.45 14.78 14.22
C THR A 391 -3.93 15.16 14.22
N GLY A 392 -4.72 14.40 14.95
CA GLY A 392 -6.14 14.71 15.13
C GLY A 392 -6.98 13.96 14.14
N SER A 393 -8.26 13.92 14.42
CA SER A 393 -9.17 13.24 13.53
C SER A 393 -9.49 14.16 12.37
N HIS A 394 -9.58 13.56 11.18
CA HIS A 394 -10.18 14.20 10.01
C HIS A 394 -11.61 14.68 10.29
N LEU A 395 -11.95 15.88 9.84
CA LEU A 395 -13.25 16.49 10.14
C LEU A 395 -13.85 16.96 8.87
N THR A 396 -15.12 17.31 8.93
CA THR A 396 -15.79 17.81 7.75
C THR A 396 -16.47 19.13 8.02
N VAL A 397 -16.54 19.98 6.99
CA VAL A 397 -17.05 21.31 7.19
C VAL A 397 -18.51 21.20 6.90
N ARG A 398 -19.27 21.37 8.01
CA ARG A 398 -20.70 21.09 8.10
C ARG A 398 -21.50 22.24 7.51
N ASN A 399 -20.93 23.47 7.58
CA ASN A 399 -21.66 24.72 7.27
C ASN A 399 -21.27 25.25 5.92
N GLY A 400 -20.58 24.45 5.10
CA GLY A 400 -20.07 24.88 3.79
C GLY A 400 -18.72 25.57 3.90
N TYR A 401 -17.68 25.00 3.28
CA TYR A 401 -16.29 25.55 3.41
C TYR A 401 -16.10 26.96 2.79
N SER A 402 -17.10 27.44 2.03
CA SER A 402 -16.95 28.70 1.34
C SER A 402 -16.88 29.83 2.35
N CYS A 403 -17.60 29.69 3.46
CA CYS A 403 -17.46 30.64 4.58
C CYS A 403 -16.04 31.20 4.81
N VAL A 404 -15.00 30.36 4.61
CA VAL A 404 -13.57 30.73 4.80
C VAL A 404 -12.99 31.68 3.77
N PRO A 405 -13.01 31.32 2.48
CA PRO A 405 -12.65 32.25 1.43
C PRO A 405 -13.31 33.57 1.59
N VAL A 406 -14.60 33.48 1.88
CA VAL A 406 -15.42 34.63 1.95
C VAL A 406 -15.00 35.51 3.06
N ALA A 407 -14.92 34.93 4.24
CA ALA A 407 -14.33 35.62 5.37
C ALA A 407 -13.06 36.34 5.01
N LEU A 408 -12.18 35.65 4.27
CA LEU A 408 -10.86 36.18 3.93
C LEU A 408 -10.94 37.32 3.00
N ALA A 409 -11.92 37.27 2.11
CA ALA A 409 -12.12 38.33 1.14
C ALA A 409 -12.65 39.64 1.70
N GLU A 410 -13.09 39.68 2.94
CA GLU A 410 -13.65 40.92 3.47
C GLU A 410 -12.54 41.95 3.56
N GLY A 411 -12.76 43.04 2.84
CA GLY A 411 -11.89 44.19 2.89
C GLY A 411 -10.77 44.12 1.92
N LEU A 412 -11.04 43.61 0.72
CA LEU A 412 -10.00 43.42 -0.28
C LEU A 412 -10.53 43.83 -1.65
N ASP A 413 -9.63 44.34 -2.49
CA ASP A 413 -10.01 44.78 -3.85
C ASP A 413 -9.99 43.55 -4.77
N ILE A 414 -11.18 43.01 -4.97
CA ILE A 414 -11.28 41.84 -5.79
C ILE A 414 -12.07 42.20 -7.02
N LYS A 415 -11.37 42.18 -8.13
CA LYS A 415 -11.98 42.44 -9.39
C LYS A 415 -12.48 41.07 -9.87
N LEU A 416 -13.81 40.86 -9.86
CA LEU A 416 -14.39 39.52 -10.29
C LEU A 416 -14.73 39.56 -11.73
N ASN A 417 -14.80 38.41 -12.34
CA ASN A 417 -14.97 38.33 -13.80
C ASN A 417 -13.91 39.03 -14.60
N THR A 418 -12.69 38.78 -14.22
CA THR A 418 -11.60 39.50 -14.75
C THR A 418 -10.63 38.41 -14.98
N ALA A 419 -10.45 38.11 -16.24
CA ALA A 419 -9.78 36.91 -16.58
C ALA A 419 -8.43 37.21 -17.18
N VAL A 420 -7.39 37.13 -16.39
CA VAL A 420 -6.06 37.40 -16.93
C VAL A 420 -5.76 36.57 -18.18
N ARG A 421 -5.30 37.28 -19.21
CA ARG A 421 -4.95 36.69 -20.49
C ARG A 421 -3.46 36.74 -20.71
N GLN A 422 -2.78 37.75 -20.14
CA GLN A 422 -1.35 37.97 -20.36
C GLN A 422 -0.62 38.63 -19.17
N VAL A 423 0.59 38.14 -18.90
CA VAL A 423 1.39 38.66 -17.81
C VAL A 423 2.74 39.05 -18.39
N ARG A 424 3.04 40.35 -18.30
CA ARG A 424 4.28 40.91 -18.76
C ARG A 424 5.00 41.47 -17.55
N TYR A 425 6.31 41.24 -17.52
CA TYR A 425 7.12 41.53 -16.35
C TYR A 425 8.50 41.85 -16.90
N THR A 426 9.01 42.97 -16.40
CA THR A 426 10.33 43.44 -16.79
C THR A 426 10.93 44.29 -15.73
N ALA A 427 12.25 44.44 -15.86
CA ALA A 427 13.08 45.14 -14.92
C ALA A 427 12.35 46.20 -14.10
N SER A 428 11.71 47.14 -14.79
CA SER A 428 11.02 48.33 -14.27
C SER A 428 9.67 48.12 -13.62
N GLY A 429 9.03 46.99 -13.93
CA GLY A 429 7.73 46.56 -13.34
C GLY A 429 6.94 45.56 -14.21
N CYS A 430 5.66 45.45 -13.89
CA CYS A 430 4.79 44.51 -14.58
C CYS A 430 3.48 45.07 -15.10
N GLU A 431 3.04 44.47 -16.20
CA GLU A 431 1.77 44.78 -16.86
C GLU A 431 0.97 43.49 -16.90
N VAL A 432 -0.26 43.51 -16.36
CA VAL A 432 -1.16 42.37 -16.46
C VAL A 432 -2.33 42.76 -17.32
N ILE A 433 -2.58 41.96 -18.35
CA ILE A 433 -3.70 42.18 -19.24
C ILE A 433 -4.76 41.13 -19.02
N ALA A 434 -5.89 41.58 -18.45
CA ALA A 434 -7.14 40.81 -18.31
C ALA A 434 -8.25 41.29 -19.24
N VAL A 435 -9.29 40.47 -19.30
CA VAL A 435 -10.54 40.80 -19.98
C VAL A 435 -11.70 40.47 -19.10
N ASN A 436 -12.81 41.06 -19.46
CA ASN A 436 -14.05 40.78 -18.82
C ASN A 436 -14.63 39.50 -19.39
N THR A 437 -15.14 38.66 -18.48
CA THR A 437 -15.54 37.33 -18.87
C THR A 437 -16.88 37.37 -19.53
N ARG A 438 -17.71 38.30 -19.07
CA ARG A 438 -19.04 38.49 -19.61
C ARG A 438 -19.00 39.02 -21.07
N SER A 439 -18.30 40.14 -21.33
CA SER A 439 -17.87 40.48 -22.73
C SER A 439 -16.34 40.33 -22.87
N THR A 440 -15.89 39.26 -23.55
CA THR A 440 -14.45 39.01 -23.91
C THR A 440 -13.74 40.24 -24.56
N SER A 441 -14.49 41.09 -25.27
CA SER A 441 -13.93 42.25 -25.97
C SER A 441 -13.39 43.37 -25.06
N GLN A 442 -14.13 43.71 -24.00
CA GLN A 442 -13.69 44.68 -22.96
C GLN A 442 -12.31 44.36 -22.35
N THR A 443 -11.28 45.12 -22.69
CA THR A 443 -9.88 44.77 -22.35
C THR A 443 -9.33 45.69 -21.23
N PHE A 444 -8.77 45.13 -20.15
CA PHE A 444 -8.19 45.88 -18.98
C PHE A 444 -6.65 45.73 -18.85
N ILE A 445 -5.99 46.75 -18.31
CA ILE A 445 -4.54 46.72 -18.14
C ILE A 445 -4.17 47.15 -16.71
N TYR A 446 -3.44 46.30 -16.01
CA TYR A 446 -3.02 46.55 -14.64
C TYR A 446 -1.49 46.63 -14.61
N LYS A 447 -1.02 47.73 -14.02
CA LYS A 447 0.40 48.02 -13.94
C LYS A 447 0.68 47.80 -12.45
N CYS A 448 1.82 47.16 -12.15
CA CYS A 448 2.25 46.92 -10.76
C CYS A 448 3.76 46.62 -10.63
N ASP A 449 4.22 46.66 -9.37
CA ASP A 449 5.63 46.30 -9.04
C ASP A 449 5.83 44.76 -9.10
N ALA A 450 4.80 44.02 -8.66
CA ALA A 450 4.83 42.57 -8.59
C ALA A 450 3.51 41.87 -8.88
N VAL A 451 3.63 40.76 -9.61
CA VAL A 451 2.52 39.84 -9.85
C VAL A 451 2.70 38.55 -9.05
N LEU A 452 1.66 38.19 -8.29
CA LEU A 452 1.56 36.90 -7.62
C LEU A 452 0.55 36.00 -8.35
N CYS A 453 1.04 34.87 -8.83
CA CYS A 453 0.27 33.97 -9.67
C CYS A 453 -0.23 32.67 -8.90
N THR A 454 -1.49 32.75 -8.44
CA THR A 454 -2.20 31.58 -7.95
C THR A 454 -2.93 30.72 -9.06
N LEU A 455 -2.70 31.05 -10.33
CA LEU A 455 -3.21 30.20 -11.42
C LEU A 455 -2.78 28.82 -11.07
N PRO A 456 -3.79 27.91 -10.99
CA PRO A 456 -3.85 26.49 -10.82
C PRO A 456 -2.95 25.83 -11.72
N LEU A 457 -2.50 24.63 -11.32
CA LEU A 457 -1.47 23.97 -12.11
C LEU A 457 -2.11 23.56 -13.39
N GLY A 458 -3.33 23.02 -13.28
CA GLY A 458 -4.13 22.74 -14.45
C GLY A 458 -4.07 23.77 -15.57
N VAL A 459 -4.26 25.00 -15.13
CA VAL A 459 -4.32 26.14 -16.03
C VAL A 459 -2.93 26.39 -16.64
N LEU A 460 -1.93 26.37 -15.76
CA LEU A 460 -0.55 26.55 -16.18
C LEU A 460 -0.17 25.52 -17.23
N LYS A 461 -0.83 24.35 -17.17
CA LYS A 461 -0.44 23.30 -18.08
C LYS A 461 -1.15 23.52 -19.40
N GLN A 462 -2.37 24.08 -19.39
CA GLN A 462 -3.22 24.32 -20.61
C GLN A 462 -2.37 24.61 -21.87
N GLN A 463 -2.64 23.86 -22.95
CA GLN A 463 -2.07 24.06 -24.29
C GLN A 463 -3.17 23.97 -25.37
N PRO A 464 -3.19 24.96 -26.26
CA PRO A 464 -2.41 26.17 -26.16
C PRO A 464 -2.76 27.02 -24.87
N PRO A 465 -1.88 27.96 -24.52
CA PRO A 465 -1.97 28.55 -23.19
C PRO A 465 -3.06 29.56 -23.00
N ALA A 466 -3.94 29.35 -22.02
CA ALA A 466 -4.92 30.37 -21.47
C ALA A 466 -4.33 31.71 -21.08
N VAL A 467 -3.11 31.66 -20.55
CA VAL A 467 -2.39 32.83 -20.10
C VAL A 467 -0.99 32.81 -20.71
N GLN A 468 -0.56 34.00 -21.14
CA GLN A 468 0.70 34.16 -21.81
C GLN A 468 1.60 34.99 -20.95
N PHE A 469 2.82 34.47 -20.81
CA PHE A 469 3.86 35.12 -20.03
C PHE A 469 4.81 35.83 -20.99
N VAL A 470 5.10 37.07 -20.61
CA VAL A 470 5.93 37.92 -21.41
C VAL A 470 6.98 38.60 -20.54
N PRO A 471 8.22 38.20 -20.75
CA PRO A 471 8.66 37.11 -21.65
C PRO A 471 8.22 35.71 -21.17
N PRO A 472 8.39 34.69 -22.00
CA PRO A 472 7.97 33.39 -21.52
C PRO A 472 8.71 32.87 -20.30
N LEU A 473 8.07 31.93 -19.59
CA LEU A 473 8.65 31.32 -18.39
C LEU A 473 9.82 30.47 -18.84
N PRO A 474 10.86 30.47 -18.03
CA PRO A 474 12.11 29.81 -18.38
C PRO A 474 11.93 28.33 -18.46
N GLU A 475 12.70 27.68 -19.33
CA GLU A 475 12.52 26.23 -19.57
C GLU A 475 12.34 25.46 -18.25
N TRP A 476 13.23 25.69 -17.28
CA TRP A 476 13.14 24.98 -16.02
C TRP A 476 11.80 25.01 -15.32
N LYS A 477 11.16 26.17 -15.35
CA LYS A 477 9.89 26.31 -14.70
C LYS A 477 8.83 25.57 -15.51
N THR A 478 8.82 25.80 -16.81
CA THR A 478 7.81 25.19 -17.66
C THR A 478 7.94 23.64 -17.53
N SER A 479 9.18 23.12 -17.65
CA SER A 479 9.49 21.66 -17.53
C SER A 479 8.86 21.02 -16.31
N ALA A 480 9.02 21.70 -15.18
CA ALA A 480 8.34 21.37 -13.95
C ALA A 480 6.89 21.22 -14.12
N VAL A 481 6.29 22.09 -14.91
CA VAL A 481 4.85 22.04 -15.07
C VAL A 481 4.50 20.80 -15.93
N GLN A 482 5.16 20.61 -17.10
CA GLN A 482 5.03 19.34 -17.89
C GLN A 482 5.01 18.20 -16.86
N ARG A 483 6.01 18.16 -15.99
CA ARG A 483 6.24 17.00 -15.11
C ARG A 483 5.19 16.71 -14.11
N MET A 484 4.71 17.71 -13.37
CA MET A 484 3.90 17.41 -12.17
C MET A 484 2.57 16.91 -12.58
N GLY A 485 1.81 16.43 -11.64
CA GLY A 485 0.56 15.80 -11.95
C GLY A 485 -0.57 16.65 -11.49
N PHE A 486 -1.44 16.99 -12.42
CA PHE A 486 -2.67 17.62 -12.02
C PHE A 486 -3.62 16.54 -12.31
N GLY A 487 -4.42 16.26 -11.27
CA GLY A 487 -5.33 15.14 -11.25
C GLY A 487 -6.74 15.64 -11.29
N ASN A 488 -7.66 14.79 -10.84
CA ASN A 488 -9.10 14.95 -11.07
C ASN A 488 -9.91 13.98 -10.18
N LEU A 489 -11.00 14.53 -9.67
CA LEU A 489 -12.10 13.78 -9.11
C LEU A 489 -13.36 14.59 -9.34
N ASN A 490 -14.53 14.07 -9.00
CA ASN A 490 -15.78 14.86 -9.29
C ASN A 490 -16.85 14.26 -8.24
N LYS A 491 -18.04 14.83 -8.14
CA LYS A 491 -18.98 14.61 -7.00
C LYS A 491 -20.46 14.73 -7.46
N VAL A 492 -21.37 13.87 -6.97
CA VAL A 492 -22.79 14.06 -7.26
C VAL A 492 -23.54 14.38 -5.99
N VAL A 493 -24.32 15.44 -6.04
CA VAL A 493 -24.92 15.94 -4.84
C VAL A 493 -26.38 15.66 -4.92
N LEU A 494 -26.82 14.79 -4.00
CA LEU A 494 -28.17 14.22 -3.99
C LEU A 494 -28.85 14.74 -2.74
N CYS A 495 -29.80 15.64 -2.97
CA CYS A 495 -30.64 16.25 -1.93
C CYS A 495 -32.04 15.62 -1.90
N PHE A 496 -32.41 15.10 -0.73
CA PHE A 496 -33.71 14.42 -0.58
C PHE A 496 -34.55 15.19 0.46
N ASP A 497 -35.75 14.68 0.76
CA ASP A 497 -36.61 15.07 1.93
C ASP A 497 -36.46 14.08 3.14
N ARG A 498 -36.05 12.86 2.80
CA ARG A 498 -36.31 11.68 3.55
C ARG A 498 -34.93 11.14 3.89
N VAL A 499 -34.56 11.17 5.15
CA VAL A 499 -33.30 10.51 5.59
C VAL A 499 -33.33 8.93 5.50
N PHE A 500 -33.24 8.38 4.29
CA PHE A 500 -33.32 6.92 4.12
C PHE A 500 -32.10 6.00 4.35
N TRP A 501 -30.90 6.52 4.49
CA TRP A 501 -29.69 5.69 4.70
C TRP A 501 -29.71 5.49 6.20
N ASP A 502 -28.67 4.84 6.71
CA ASP A 502 -28.56 4.71 8.15
C ASP A 502 -27.98 5.97 8.80
N PRO A 503 -28.78 6.71 9.58
CA PRO A 503 -28.21 7.80 10.35
C PRO A 503 -26.91 7.59 11.10
N SER A 504 -26.74 6.48 11.80
CA SER A 504 -25.44 6.28 12.48
C SER A 504 -24.27 6.04 11.49
N VAL A 505 -24.55 5.71 10.22
CA VAL A 505 -23.53 5.54 9.17
C VAL A 505 -23.26 6.77 8.28
N ASN A 506 -21.98 7.17 8.30
CA ASN A 506 -21.49 8.36 7.61
C ASN A 506 -21.31 8.12 6.15
N LEU A 507 -20.72 6.96 5.90
CA LEU A 507 -20.26 6.68 4.59
C LEU A 507 -20.23 5.17 4.34
N PHE A 508 -20.52 4.83 3.10
CA PHE A 508 -20.57 3.47 2.66
C PHE A 508 -20.22 3.29 1.21
N GLY A 509 -19.33 2.34 0.95
CA GLY A 509 -18.91 1.99 -0.41
C GLY A 509 -19.98 1.29 -1.24
N HIS A 510 -19.68 1.20 -2.53
CA HIS A 510 -20.32 0.29 -3.47
C HIS A 510 -19.21 -0.29 -4.36
N VAL A 511 -19.29 -1.58 -4.62
CA VAL A 511 -18.18 -2.25 -5.25
C VAL A 511 -18.48 -2.46 -6.70
N GLY A 512 -17.55 -2.07 -7.53
CA GLY A 512 -17.79 -2.03 -8.94
C GLY A 512 -17.47 -3.40 -9.41
N SER A 513 -18.10 -3.73 -10.53
CA SER A 513 -17.98 -5.02 -11.16
C SER A 513 -16.70 -5.19 -11.94
N THR A 514 -16.20 -4.15 -12.59
CA THR A 514 -14.86 -4.24 -13.17
C THR A 514 -13.83 -3.51 -12.35
N THR A 515 -12.58 -3.71 -12.78
CA THR A 515 -11.46 -2.87 -12.49
C THR A 515 -11.63 -1.54 -13.16
N ALA A 516 -11.88 -1.60 -14.46
CA ALA A 516 -12.10 -0.38 -15.20
C ALA A 516 -13.16 0.51 -14.61
N SER A 517 -14.11 -0.03 -13.85
CA SER A 517 -15.22 0.76 -13.43
C SER A 517 -15.16 1.01 -11.91
N ARG A 518 -13.98 0.86 -11.32
CA ARG A 518 -13.95 0.91 -9.83
C ARG A 518 -14.30 2.29 -9.31
N GLY A 519 -14.02 3.30 -10.12
CA GLY A 519 -14.23 4.67 -9.71
C GLY A 519 -15.68 5.08 -9.58
N GLU A 520 -16.56 4.53 -10.46
CA GLU A 520 -17.97 4.99 -10.66
C GLU A 520 -18.75 4.84 -9.34
N LEU A 521 -19.12 5.96 -8.76
CA LEU A 521 -19.92 6.05 -7.55
C LEU A 521 -19.52 5.07 -6.45
N PHE A 522 -18.21 4.96 -6.31
CA PHE A 522 -17.56 4.01 -5.44
C PHE A 522 -17.80 4.32 -3.97
N LEU A 523 -18.28 5.50 -3.63
CA LEU A 523 -18.49 5.81 -2.24
C LEU A 523 -19.63 6.79 -2.13
N PHE A 524 -20.34 6.76 -1.01
CA PHE A 524 -21.41 7.73 -0.70
C PHE A 524 -21.20 8.28 0.69
N TRP A 525 -21.52 9.56 0.88
CA TRP A 525 -21.17 10.28 2.12
C TRP A 525 -22.36 11.18 2.53
N ASN A 526 -22.76 11.08 3.79
CA ASN A 526 -23.62 12.08 4.39
C ASN A 526 -22.77 12.64 5.45
N LEU A 527 -22.90 13.95 5.60
CA LEU A 527 -22.24 14.66 6.68
C LEU A 527 -22.96 15.94 7.05
N TYR A 528 -24.10 16.19 6.44
CA TYR A 528 -24.74 17.49 6.48
C TYR A 528 -26.03 17.36 7.37
N LYS A 529 -26.45 18.41 8.08
CA LYS A 529 -27.69 18.39 8.93
C LYS A 529 -28.83 17.90 8.10
N ALA A 530 -29.01 18.53 6.94
CA ALA A 530 -29.99 18.11 5.95
C ALA A 530 -29.76 16.73 5.28
N PRO A 531 -30.79 16.22 4.62
CA PRO A 531 -30.72 14.94 3.92
C PRO A 531 -29.97 14.99 2.59
N ILE A 532 -28.64 15.05 2.71
CA ILE A 532 -27.79 15.02 1.53
C ILE A 532 -26.82 13.86 1.58
N LEU A 533 -26.79 13.17 0.45
CA LEU A 533 -25.79 12.16 0.15
C LEU A 533 -24.89 12.61 -1.00
N LEU A 534 -23.57 12.47 -0.80
CA LEU A 534 -22.62 12.73 -1.89
C LEU A 534 -22.20 11.44 -2.50
N ALA A 535 -22.14 11.41 -3.82
CA ALA A 535 -21.63 10.26 -4.59
C ALA A 535 -20.29 10.61 -5.21
N LEU A 536 -19.24 9.88 -4.88
CA LEU A 536 -17.89 10.33 -5.24
C LEU A 536 -17.43 9.54 -6.41
N VAL A 537 -16.74 10.17 -7.35
CA VAL A 537 -16.21 9.45 -8.50
C VAL A 537 -14.72 9.60 -8.58
N ALA A 538 -13.98 8.50 -8.72
CA ALA A 538 -12.51 8.59 -8.65
C ALA A 538 -11.87 7.94 -9.85
N GLY A 539 -10.54 7.89 -9.87
CA GLY A 539 -9.81 7.09 -10.86
C GLY A 539 -10.05 7.36 -12.32
N GLU A 540 -9.75 6.37 -13.16
CA GLU A 540 -9.85 6.54 -14.62
C GLU A 540 -11.25 6.91 -15.04
N ALA A 541 -12.16 6.43 -14.20
CA ALA A 541 -13.56 6.70 -14.22
C ALA A 541 -13.96 8.13 -14.26
N ALA A 542 -13.42 8.90 -13.32
CA ALA A 542 -13.95 10.24 -13.12
C ALA A 542 -13.73 11.13 -14.31
N GLY A 543 -12.57 10.90 -14.96
CA GLY A 543 -12.27 11.46 -16.26
C GLY A 543 -13.39 11.30 -17.30
N ILE A 544 -14.06 10.15 -17.29
CA ILE A 544 -15.06 9.79 -18.33
C ILE A 544 -16.47 10.23 -17.95
N MET A 545 -16.87 9.92 -16.74
CA MET A 545 -18.11 10.44 -16.17
C MET A 545 -18.35 11.96 -16.32
N GLU A 546 -17.35 12.73 -16.75
CA GLU A 546 -17.55 14.16 -17.05
C GLU A 546 -18.39 14.34 -18.35
N ASN A 547 -18.26 13.35 -19.24
CA ASN A 547 -19.02 13.29 -20.48
C ASN A 547 -20.47 12.86 -20.37
N ILE A 548 -20.79 12.07 -19.38
CA ILE A 548 -22.06 11.39 -19.33
C ILE A 548 -23.01 12.46 -18.77
N SER A 549 -24.21 12.59 -19.34
CA SER A 549 -25.15 13.70 -19.00
C SER A 549 -25.54 13.69 -17.50
N ASP A 550 -26.12 14.78 -17.00
CA ASP A 550 -26.44 14.89 -15.53
C ASP A 550 -27.41 13.83 -15.07
N ASP A 551 -28.50 13.71 -15.83
CA ASP A 551 -29.60 12.79 -15.53
C ASP A 551 -29.10 11.37 -15.55
N VAL A 552 -28.41 10.98 -16.62
CA VAL A 552 -27.72 9.67 -16.67
C VAL A 552 -26.91 9.27 -15.39
N ILE A 553 -26.14 10.23 -14.82
CA ILE A 553 -25.29 9.98 -13.65
C ILE A 553 -26.14 9.82 -12.40
N VAL A 554 -27.14 10.71 -12.28
CA VAL A 554 -28.09 10.63 -11.16
C VAL A 554 -28.94 9.33 -11.32
N GLY A 555 -28.99 8.79 -12.53
CA GLY A 555 -29.51 7.45 -12.78
C GLY A 555 -28.82 6.46 -11.89
N ARG A 556 -27.57 6.17 -12.26
CA ARG A 556 -26.79 5.10 -11.62
C ARG A 556 -26.67 5.37 -10.17
N CYS A 557 -26.58 6.65 -9.79
CA CYS A 557 -26.74 7.08 -8.38
C CYS A 557 -27.92 6.45 -7.66
N LEU A 558 -29.09 6.61 -8.27
CA LEU A 558 -30.31 6.11 -7.68
C LEU A 558 -30.34 4.58 -7.76
N ALA A 559 -30.01 4.05 -8.95
CA ALA A 559 -29.82 2.59 -9.14
C ALA A 559 -29.04 1.98 -7.98
N ILE A 560 -27.80 2.37 -7.79
CA ILE A 560 -27.04 1.72 -6.72
C ILE A 560 -27.52 2.06 -5.32
N LEU A 561 -28.32 3.10 -5.16
CA LEU A 561 -29.06 3.26 -3.90
C LEU A 561 -30.27 2.32 -3.75
N LYS A 562 -30.94 2.01 -4.88
CA LYS A 562 -32.03 1.01 -4.94
C LYS A 562 -31.52 -0.36 -4.52
N GLY A 563 -30.45 -0.84 -5.17
CA GLY A 563 -29.66 -1.96 -4.67
C GLY A 563 -29.37 -1.83 -3.17
N ILE A 564 -28.47 -0.93 -2.78
CA ILE A 564 -28.06 -0.85 -1.36
C ILE A 564 -29.29 -0.77 -0.38
N PHE A 565 -30.47 -0.25 -0.80
CA PHE A 565 -31.57 0.12 0.14
C PHE A 565 -33.04 -0.27 -0.22
N GLY A 566 -33.30 -0.54 -1.51
CA GLY A 566 -34.64 -0.98 -2.00
C GLY A 566 -35.56 0.08 -2.63
N SER A 567 -36.17 -0.24 -3.79
CA SER A 567 -37.06 0.71 -4.52
C SER A 567 -38.15 1.41 -3.68
N SER A 568 -38.67 0.69 -2.67
CA SER A 568 -39.59 1.24 -1.64
C SER A 568 -39.00 2.50 -1.02
N ALA A 569 -37.73 2.43 -0.65
CA ALA A 569 -37.13 3.39 0.30
C ALA A 569 -36.51 4.73 -0.26
N VAL A 570 -36.02 4.76 -1.53
CA VAL A 570 -35.18 5.92 -2.00
C VAL A 570 -35.96 6.84 -2.98
N PRO A 571 -36.36 8.07 -2.49
CA PRO A 571 -37.17 8.97 -3.36
C PRO A 571 -36.48 9.36 -4.67
N GLN A 572 -37.13 10.17 -5.49
CA GLN A 572 -36.36 10.92 -6.49
C GLN A 572 -35.78 12.11 -5.67
N PRO A 573 -34.69 12.74 -6.15
CA PRO A 573 -34.09 13.80 -5.30
C PRO A 573 -34.67 15.21 -5.56
N LYS A 574 -34.90 15.95 -4.47
CA LYS A 574 -35.45 17.33 -4.57
C LYS A 574 -34.53 18.27 -5.41
N GLU A 575 -33.19 18.04 -5.36
CA GLU A 575 -32.12 18.84 -6.05
C GLU A 575 -30.82 18.03 -6.38
N THR A 576 -30.29 18.17 -7.60
CA THR A 576 -28.97 17.56 -7.97
C THR A 576 -27.91 18.47 -8.64
N VAL A 577 -26.62 18.10 -8.45
CA VAL A 577 -25.45 18.90 -8.91
C VAL A 577 -24.28 17.98 -9.21
N VAL A 578 -23.39 18.34 -10.15
CA VAL A 578 -22.27 17.41 -10.53
C VAL A 578 -20.77 17.90 -10.80
N SER A 579 -19.84 17.78 -9.83
CA SER A 579 -18.41 18.20 -10.00
C SER A 579 -17.99 18.45 -11.41
N ARG A 580 -17.60 17.43 -12.15
CA ARG A 580 -17.09 17.73 -13.47
C ARG A 580 -15.89 18.85 -13.47
N TRP A 581 -14.83 18.62 -12.65
CA TRP A 581 -13.75 19.65 -12.50
C TRP A 581 -12.77 19.75 -13.66
N ARG A 582 -12.45 18.67 -14.35
CA ARG A 582 -11.45 18.77 -15.41
C ARG A 582 -11.94 19.61 -16.57
N ALA A 583 -13.25 19.72 -16.67
CA ALA A 583 -13.81 20.51 -17.70
C ALA A 583 -13.85 21.99 -17.36
N ASP A 584 -14.25 22.34 -16.13
CA ASP A 584 -14.13 23.75 -15.61
C ASP A 584 -12.79 24.35 -15.98
N PRO A 585 -12.82 25.49 -16.65
CA PRO A 585 -11.60 25.95 -17.32
C PRO A 585 -10.66 26.82 -16.45
N TRP A 586 -11.10 27.11 -15.22
CA TRP A 586 -10.40 27.87 -14.18
C TRP A 586 -9.78 26.97 -13.08
N ALA A 587 -9.43 25.77 -13.56
CA ALA A 587 -9.12 24.61 -12.75
C ALA A 587 -8.44 23.52 -13.59
N ARG A 588 -9.06 23.07 -14.67
CA ARG A 588 -8.50 21.95 -15.47
C ARG A 588 -8.20 20.71 -14.68
N GLY A 589 -8.99 20.52 -13.62
CA GLY A 589 -8.79 19.41 -12.73
C GLY A 589 -8.98 19.77 -11.28
N SER A 590 -8.51 18.87 -10.39
CA SER A 590 -8.85 18.91 -8.97
C SER A 590 -7.70 19.36 -8.17
N TYR A 591 -6.64 18.57 -8.11
CA TYR A 591 -5.41 18.97 -7.39
C TYR A 591 -4.16 18.33 -7.89
N SER A 592 -3.04 18.79 -7.40
CA SER A 592 -1.77 18.23 -7.86
C SER A 592 -1.61 16.76 -7.34
N TYR A 593 -0.63 16.08 -7.93
CA TYR A 593 -0.16 14.78 -7.49
C TYR A 593 1.24 14.57 -7.98
N VAL A 594 1.87 13.53 -7.50
CA VAL A 594 3.29 13.39 -7.82
C VAL A 594 3.39 12.41 -8.93
N ALA A 595 3.22 12.88 -10.12
CA ALA A 595 3.30 11.97 -11.22
C ALA A 595 4.61 11.23 -11.21
N ALA A 596 4.58 10.03 -11.75
CA ALA A 596 5.79 9.32 -11.98
C ALA A 596 6.73 10.17 -12.82
N GLY A 597 7.99 10.26 -12.40
CA GLY A 597 8.97 11.08 -13.09
C GLY A 597 9.11 12.47 -12.52
N SER A 598 8.12 12.94 -11.76
CA SER A 598 8.18 14.13 -10.88
C SER A 598 8.82 13.65 -9.58
N SER A 599 9.21 14.61 -8.75
CA SER A 599 9.59 14.46 -7.33
C SER A 599 8.95 15.62 -6.60
N GLY A 600 9.26 15.73 -5.31
CA GLY A 600 8.84 16.92 -4.56
C GLY A 600 9.59 18.17 -4.96
N ASN A 601 10.77 18.00 -5.56
CA ASN A 601 11.53 19.14 -6.02
C ASN A 601 10.73 19.98 -7.03
N ASP A 602 9.85 19.36 -7.79
CA ASP A 602 9.14 20.11 -8.75
C ASP A 602 8.31 21.11 -8.03
N TYR A 603 7.67 20.69 -6.95
CA TYR A 603 6.86 21.61 -6.12
C TYR A 603 7.68 22.89 -5.71
N ASP A 604 8.98 22.73 -5.48
CA ASP A 604 9.82 23.88 -5.18
C ASP A 604 10.22 24.74 -6.33
N LEU A 605 10.66 24.13 -7.41
CA LEU A 605 10.66 24.84 -8.68
C LEU A 605 9.36 25.59 -8.92
N MET A 606 8.20 24.95 -8.84
CA MET A 606 6.96 25.73 -8.97
C MET A 606 6.87 26.94 -8.06
N ALA A 607 7.49 26.94 -6.88
CA ALA A 607 7.41 28.15 -6.05
C ALA A 607 8.38 29.32 -6.38
N GLN A 608 9.48 28.94 -7.06
CA GLN A 608 10.59 29.86 -7.29
C GLN A 608 10.23 31.05 -8.10
N PRO A 609 10.30 32.25 -7.52
CA PRO A 609 10.00 33.43 -8.29
C PRO A 609 10.96 33.68 -9.46
N ILE A 610 10.45 34.49 -10.41
CA ILE A 610 11.13 34.86 -11.63
C ILE A 610 11.62 36.31 -11.71
N THR A 611 12.88 36.42 -12.15
CA THR A 611 13.55 37.69 -12.20
C THR A 611 13.87 37.99 -13.64
N PRO A 612 13.37 39.12 -14.14
CA PRO A 612 13.54 39.49 -15.53
C PRO A 612 14.95 39.79 -15.94
N GLY A 613 15.15 39.85 -17.24
CA GLY A 613 16.39 40.37 -17.79
C GLY A 613 16.53 41.86 -17.50
N PRO A 614 17.74 42.36 -17.65
CA PRO A 614 18.05 43.74 -17.34
C PRO A 614 17.48 44.67 -18.42
N SER A 615 16.94 45.84 -17.99
CA SER A 615 16.22 46.80 -18.87
C SER A 615 17.18 47.20 -19.99
N ILE A 616 18.27 47.90 -19.63
CA ILE A 616 19.27 48.43 -20.60
C ILE A 616 20.49 47.57 -20.52
N PRO A 617 20.90 46.86 -21.59
CA PRO A 617 22.06 45.99 -21.30
C PRO A 617 23.25 46.68 -20.66
N GLY A 618 23.89 45.96 -19.72
CA GLY A 618 24.86 46.50 -18.77
C GLY A 618 24.34 47.01 -17.43
N ALA A 619 23.03 47.05 -17.24
CA ALA A 619 22.41 47.58 -16.03
C ALA A 619 22.58 46.61 -14.86
N PRO A 620 22.34 47.09 -13.63
CA PRO A 620 22.52 46.19 -12.54
C PRO A 620 21.33 45.21 -12.45
N GLN A 621 21.69 43.94 -12.34
CA GLN A 621 20.80 42.84 -11.92
C GLN A 621 19.49 43.23 -11.17
N PRO A 622 18.33 43.08 -11.84
CA PRO A 622 17.16 43.62 -11.15
C PRO A 622 16.71 42.74 -10.02
N ILE A 623 15.63 43.20 -9.44
CA ILE A 623 14.94 42.47 -8.47
C ILE A 623 13.93 41.54 -9.23
N PRO A 624 13.39 40.51 -8.56
CA PRO A 624 12.33 39.67 -9.04
C PRO A 624 10.92 40.26 -8.96
N ARG A 625 10.19 39.98 -10.03
CA ARG A 625 8.94 40.62 -10.31
C ARG A 625 7.73 39.70 -10.24
N LEU A 626 7.93 38.41 -10.60
CA LEU A 626 6.84 37.44 -10.76
C LEU A 626 7.01 36.26 -9.83
N PHE A 627 5.97 36.05 -9.01
CA PHE A 627 5.89 35.12 -7.89
C PHE A 627 4.77 34.05 -8.08
N PHE A 628 4.84 33.01 -7.27
CA PHE A 628 3.97 31.87 -7.49
C PHE A 628 3.48 31.28 -6.19
N ALA A 629 2.17 31.14 -6.01
CA ALA A 629 1.64 30.48 -4.80
C ALA A 629 0.56 29.49 -5.13
N GLY A 630 -0.28 29.13 -4.16
CA GLY A 630 -1.14 27.94 -4.30
C GLY A 630 -0.54 26.53 -4.11
N GLU A 631 -1.48 25.57 -3.96
CA GLU A 631 -1.17 24.18 -3.65
C GLU A 631 -0.14 23.45 -4.51
N HIS A 632 0.24 23.95 -5.66
CA HIS A 632 1.23 23.20 -6.41
C HIS A 632 2.64 23.63 -6.02
N THR A 633 2.78 24.60 -5.11
CA THR A 633 4.09 25.21 -4.78
C THR A 633 4.76 24.69 -3.49
N ILE A 634 3.96 23.98 -2.73
CA ILE A 634 4.29 23.71 -1.36
C ILE A 634 4.47 22.21 -1.17
N ARG A 635 5.72 21.79 -1.23
CA ARG A 635 5.97 20.38 -1.30
C ARG A 635 5.59 19.62 -0.02
N ASN A 636 5.43 20.31 1.07
CA ASN A 636 5.11 19.59 2.28
C ASN A 636 3.64 19.48 2.52
N TYR A 637 2.82 20.18 1.73
CA TYR A 637 1.36 20.18 1.97
C TYR A 637 0.60 20.37 0.70
N PRO A 638 0.97 19.62 -0.35
CA PRO A 638 0.20 19.81 -1.56
C PRO A 638 -1.22 19.46 -1.41
N ALA A 639 -1.92 19.89 -2.45
CA ALA A 639 -3.27 19.57 -2.69
C ALA A 639 -4.18 19.65 -1.46
N THR A 640 -4.01 20.74 -0.72
CA THR A 640 -4.85 21.01 0.42
C THR A 640 -5.21 22.44 0.50
N VAL A 641 -6.24 22.73 1.27
CA VAL A 641 -6.55 24.10 1.61
C VAL A 641 -5.45 24.71 2.48
N HIS A 642 -4.99 23.98 3.47
CA HIS A 642 -3.97 24.52 4.37
C HIS A 642 -2.72 24.79 3.57
N GLY A 643 -2.38 23.89 2.68
CA GLY A 643 -1.19 24.03 1.91
C GLY A 643 -1.27 25.28 1.09
N ALA A 644 -2.47 25.53 0.56
CA ALA A 644 -2.66 26.70 -0.27
C ALA A 644 -2.40 27.93 0.57
N LEU A 645 -3.15 28.00 1.64
CA LEU A 645 -3.04 29.07 2.59
C LEU A 645 -1.63 29.24 3.06
N LEU A 646 -0.93 28.16 3.31
CA LEU A 646 0.48 28.32 3.65
C LEU A 646 1.28 28.90 2.53
N SER A 647 1.04 28.47 1.30
CA SER A 647 1.82 28.98 0.16
C SER A 647 1.64 30.47 0.05
N GLY A 648 0.46 30.96 0.42
CA GLY A 648 0.14 32.37 0.29
C GLY A 648 0.84 33.21 1.33
N LEU A 649 0.65 32.77 2.58
CA LEU A 649 1.33 33.35 3.70
C LEU A 649 2.79 33.58 3.35
N ARG A 650 3.38 32.53 2.79
CA ARG A 650 4.75 32.51 2.32
C ARG A 650 5.01 33.57 1.27
N GLU A 651 4.35 33.54 0.14
CA GLU A 651 4.76 34.47 -0.88
C GLU A 651 4.61 35.85 -0.36
N ALA A 652 3.57 36.14 0.42
CA ALA A 652 3.45 37.50 0.97
C ALA A 652 4.70 37.92 1.70
N GLY A 653 5.13 37.13 2.66
CA GLY A 653 6.42 37.43 3.33
C GLY A 653 7.55 37.70 2.34
N ARG A 654 7.74 36.77 1.40
CA ARG A 654 8.77 36.88 0.36
C ARG A 654 8.69 38.22 -0.39
N ILE A 655 7.48 38.66 -0.69
CA ILE A 655 7.23 39.88 -1.47
C ILE A 655 7.55 41.10 -0.62
N ALA A 656 6.90 41.25 0.53
CA ALA A 656 7.36 42.21 1.50
C ALA A 656 8.90 42.33 1.63
N ASP A 657 9.61 41.26 1.90
CA ASP A 657 11.08 41.34 2.01
C ASP A 657 11.79 42.01 0.78
N GLN A 658 11.18 41.90 -0.39
CA GLN A 658 11.72 42.53 -1.58
C GLN A 658 11.31 43.96 -1.70
N PHE A 659 10.16 44.34 -1.17
CA PHE A 659 9.56 45.65 -1.47
C PHE A 659 9.42 46.57 -0.29
N LEU A 660 9.70 46.06 0.91
CA LEU A 660 9.67 46.83 2.14
C LEU A 660 10.79 46.41 3.12
N GLY A 661 11.78 45.63 2.67
CA GLY A 661 12.76 44.83 3.50
C GLY A 661 12.90 44.79 5.04
N ALA A 662 12.70 45.96 5.69
CA ALA A 662 13.15 46.29 7.10
C ALA A 662 12.48 45.53 8.31
N MET A 663 11.18 45.21 8.29
CA MET A 663 10.57 44.37 9.40
C MET A 663 10.47 42.88 9.05
N LYS B 4 12.38 -8.49 5.96
CA LYS B 4 12.14 -7.11 5.49
C LYS B 4 10.66 -6.85 4.94
N PRO B 5 10.16 -7.64 3.93
CA PRO B 5 8.77 -7.50 3.37
C PRO B 5 7.75 -7.94 4.34
N PRO B 6 6.53 -7.44 4.26
CA PRO B 6 5.58 -7.76 5.33
C PRO B 6 5.26 -9.25 5.34
N LYS B 7 4.69 -9.76 6.44
CA LYS B 7 4.52 -11.23 6.58
C LYS B 7 3.53 -11.70 5.47
N GLY B 8 3.94 -12.78 4.80
CA GLY B 8 3.13 -13.42 3.75
C GLY B 8 3.13 -12.68 2.42
N MET B 9 4.32 -12.28 1.99
CA MET B 9 4.48 -11.53 0.77
C MET B 9 5.84 -11.88 0.24
N PHE B 10 5.92 -12.20 -1.04
CA PHE B 10 7.09 -12.89 -1.52
C PHE B 10 7.70 -12.19 -2.71
N LEU B 11 8.99 -11.85 -2.62
CA LEU B 11 9.66 -10.91 -3.55
C LEU B 11 11.22 -10.92 -3.49
N SER B 12 11.88 -11.57 -4.45
CA SER B 12 13.37 -11.48 -4.57
C SER B 12 13.73 -10.76 -5.84
N GLN B 13 14.86 -10.03 -5.87
CA GLN B 13 15.25 -9.34 -7.13
C GLN B 13 15.22 -10.42 -8.25
N GLU B 14 15.54 -11.69 -7.91
CA GLU B 14 15.32 -12.86 -8.82
C GLU B 14 13.85 -12.94 -9.37
N ASP B 15 12.88 -13.25 -8.49
CA ASP B 15 11.44 -13.39 -8.85
C ASP B 15 10.88 -12.08 -9.48
N VAL B 16 11.40 -10.93 -9.07
CA VAL B 16 10.92 -9.65 -9.61
C VAL B 16 11.41 -9.42 -11.05
N GLU B 17 12.73 -9.46 -11.25
CA GLU B 17 13.39 -9.21 -12.55
C GLU B 17 12.88 -10.10 -13.66
N ALA B 18 12.26 -11.21 -13.23
CA ALA B 18 11.76 -12.24 -14.12
C ALA B 18 10.26 -12.12 -14.47
N VAL B 19 9.46 -11.52 -13.60
CA VAL B 19 8.10 -11.10 -13.97
C VAL B 19 8.08 -9.72 -14.67
N SER B 20 9.26 -9.13 -14.85
CA SER B 20 9.43 -7.80 -15.40
C SER B 20 10.62 -7.67 -16.41
N ALA B 21 10.87 -8.69 -17.25
CA ALA B 21 11.64 -8.53 -18.51
C ALA B 21 10.56 -8.42 -19.62
N ASN B 22 10.65 -9.16 -20.76
CA ASN B 22 9.58 -9.17 -21.80
C ASN B 22 8.20 -8.72 -21.26
N ALA B 23 7.60 -7.69 -21.88
CA ALA B 23 6.31 -7.10 -21.42
C ALA B 23 5.17 -8.11 -21.25
N THR B 24 5.46 -9.35 -21.63
CA THR B 24 4.57 -10.49 -21.51
C THR B 24 4.98 -11.52 -20.44
N ALA B 25 6.31 -11.70 -20.26
CA ALA B 25 6.93 -12.75 -19.41
C ALA B 25 6.51 -12.85 -17.92
N ALA B 26 5.62 -11.96 -17.47
CA ALA B 26 4.77 -12.24 -16.32
C ALA B 26 3.74 -13.30 -16.66
N THR B 27 2.85 -13.05 -17.63
CA THR B 27 1.79 -14.05 -17.97
C THR B 27 2.32 -15.34 -18.64
N THR B 28 3.54 -15.31 -19.20
CA THR B 28 4.36 -16.54 -19.35
C THR B 28 4.49 -17.26 -17.98
N VAL B 29 5.32 -16.74 -17.08
CA VAL B 29 5.68 -17.44 -15.85
C VAL B 29 4.43 -17.87 -15.04
N LEU B 30 3.57 -16.94 -14.55
CA LEU B 30 2.33 -17.32 -13.79
C LEU B 30 1.49 -18.32 -14.64
N ARG B 31 1.02 -17.97 -15.84
CA ARG B 31 0.15 -18.89 -16.67
C ARG B 31 0.85 -20.09 -17.45
N GLN B 32 2.06 -20.52 -17.03
CA GLN B 32 2.69 -21.79 -17.49
C GLN B 32 3.02 -22.75 -16.34
N LEU B 33 3.37 -22.24 -15.16
CA LEU B 33 3.60 -23.10 -14.00
C LEU B 33 2.42 -24.03 -13.83
N ASP B 34 1.18 -23.51 -13.91
CA ASP B 34 -0.01 -24.39 -13.83
C ASP B 34 -0.15 -25.42 -15.00
N MET B 35 0.59 -25.23 -16.10
CA MET B 35 0.89 -26.33 -17.05
C MET B 35 1.85 -27.36 -16.40
N GLU B 36 3.01 -26.97 -15.90
CA GLU B 36 3.82 -27.89 -15.08
C GLU B 36 3.10 -28.47 -13.84
N LEU B 37 2.06 -27.82 -13.37
CA LEU B 37 1.29 -28.37 -12.28
C LEU B 37 0.37 -29.45 -12.81
N VAL B 38 -0.39 -29.20 -13.87
CA VAL B 38 -1.24 -30.27 -14.46
C VAL B 38 -0.41 -31.54 -14.86
N SER B 39 0.77 -31.38 -15.45
CA SER B 39 1.68 -32.51 -15.79
C SER B 39 2.03 -33.42 -14.58
N VAL B 40 1.96 -32.88 -13.38
CA VAL B 40 2.22 -33.64 -12.18
C VAL B 40 0.93 -34.22 -11.69
N LYS B 41 -0.10 -33.41 -11.60
CA LYS B 41 -1.40 -33.94 -11.20
C LYS B 41 -1.79 -35.21 -12.02
N ARG B 42 -1.27 -35.37 -13.25
CA ARG B 42 -1.42 -36.61 -14.02
C ARG B 42 -0.44 -37.70 -13.61
N GLN B 43 0.83 -37.38 -13.34
CA GLN B 43 1.81 -38.40 -12.89
C GLN B 43 1.33 -39.03 -11.56
N ILE B 44 0.81 -38.22 -10.66
CA ILE B 44 0.04 -38.67 -9.49
C ILE B 44 -0.98 -39.73 -9.84
N GLN B 45 -1.82 -39.43 -10.82
CA GLN B 45 -2.87 -40.33 -11.30
C GLN B 45 -2.37 -41.64 -11.88
N ASN B 46 -1.34 -41.59 -12.73
CA ASN B 46 -0.61 -42.78 -13.20
C ASN B 46 -0.27 -43.70 -12.01
N ILE B 47 0.50 -43.19 -11.05
CA ILE B 47 0.93 -43.97 -9.91
C ILE B 47 -0.27 -44.40 -9.02
N LYS B 48 -1.30 -43.57 -8.85
CA LYS B 48 -2.46 -43.98 -8.03
C LYS B 48 -3.09 -45.28 -8.64
N GLN B 49 -3.25 -45.32 -9.97
CA GLN B 49 -3.63 -46.58 -10.70
C GLN B 49 -2.52 -47.65 -10.66
N THR B 50 -1.31 -47.37 -11.16
CA THR B 50 -0.17 -48.33 -11.12
C THR B 50 -0.08 -49.05 -9.75
N ASN B 51 -0.25 -48.30 -8.65
CA ASN B 51 -0.13 -48.87 -7.29
C ASN B 51 -1.38 -49.61 -6.88
N SER B 52 -2.53 -48.97 -7.10
CA SER B 52 -3.84 -49.62 -6.95
C SER B 52 -3.91 -51.06 -7.56
N ALA B 53 -3.19 -51.28 -8.67
CA ALA B 53 -3.06 -52.59 -9.35
C ALA B 53 -2.29 -53.58 -8.51
N LEU B 54 -1.14 -53.14 -8.01
CA LEU B 54 -0.33 -53.99 -7.15
C LEU B 54 -1.05 -54.29 -5.81
N LYS B 55 -1.80 -53.33 -5.28
CA LYS B 55 -2.59 -53.59 -4.08
C LYS B 55 -3.65 -54.72 -4.39
N GLU B 56 -4.16 -54.84 -5.64
CA GLU B 56 -5.07 -55.99 -6.04
C GLU B 56 -4.32 -57.31 -6.00
N LYS B 57 -3.06 -57.33 -6.45
CA LYS B 57 -2.19 -58.53 -6.31
C LYS B 57 -1.82 -59.00 -4.88
N LEU B 58 -1.94 -58.15 -3.89
CA LEU B 58 -1.64 -58.58 -2.53
C LEU B 58 -2.92 -59.06 -1.77
N ASP B 59 -4.14 -58.86 -2.31
CA ASP B 59 -5.38 -59.35 -1.65
C ASP B 59 -5.19 -60.85 -1.67
N GLY B 60 -5.10 -61.41 -0.46
CA GLY B 60 -4.46 -62.71 -0.20
C GLY B 60 -3.57 -62.59 1.04
N GLY B 61 -2.82 -61.50 1.14
CA GLY B 61 -1.79 -61.35 2.17
C GLY B 61 -0.75 -62.43 1.93
N ILE B 62 -0.12 -62.86 3.01
CA ILE B 62 0.61 -64.12 3.00
C ILE B 62 0.07 -65.02 4.12
N GLU B 63 -1.23 -64.87 4.40
CA GLU B 63 -1.88 -65.69 5.42
C GLU B 63 -1.85 -67.16 5.07
N PRO B 64 -2.15 -67.54 3.81
CA PRO B 64 -2.08 -68.97 3.53
C PRO B 64 -0.71 -69.60 3.72
N TYR B 65 0.37 -68.82 3.78
CA TYR B 65 1.69 -69.42 3.68
C TYR B 65 2.57 -69.30 4.94
N ARG B 66 1.97 -69.22 6.12
CA ARG B 66 2.75 -68.96 7.34
C ARG B 66 3.02 -70.22 8.20
N LEU B 67 4.23 -70.78 8.11
CA LEU B 67 4.56 -71.99 8.87
C LEU B 67 4.46 -71.63 10.44
N PRO B 68 3.55 -72.30 11.23
CA PRO B 68 3.28 -71.99 12.68
C PRO B 68 4.42 -72.09 13.73
N GLU B 69 5.48 -71.27 13.59
CA GLU B 69 6.74 -71.34 14.40
C GLU B 69 6.61 -71.58 15.95
N VAL B 70 6.71 -72.86 16.35
CA VAL B 70 6.67 -73.35 17.76
C VAL B 70 8.04 -73.15 18.42
N ILE B 71 8.08 -72.93 19.75
CA ILE B 71 9.35 -72.86 20.52
C ILE B 71 9.77 -74.28 20.85
N GLN B 72 10.98 -74.68 20.40
CA GLN B 72 11.64 -75.95 20.79
C GLN B 72 12.58 -75.58 21.94
N LYS B 73 12.28 -76.08 23.15
CA LYS B 73 13.04 -75.72 24.38
C LYS B 73 14.51 -76.08 24.18
N CYS B 74 15.36 -75.06 24.08
CA CYS B 74 16.82 -75.17 23.77
C CYS B 74 17.56 -76.40 24.42
N ASN B 75 18.84 -76.59 24.12
CA ASN B 75 19.66 -77.73 24.63
C ASN B 75 21.17 -77.50 24.37
N ALA B 76 21.99 -78.14 25.20
CA ALA B 76 23.41 -78.33 24.89
C ALA B 76 23.78 -79.84 24.72
N ARG B 77 22.79 -80.74 24.70
CA ARG B 77 23.00 -82.14 24.19
C ARG B 77 23.08 -82.05 22.65
N TRP B 78 24.32 -82.11 22.13
CA TRP B 78 24.63 -81.93 20.70
C TRP B 78 24.58 -83.29 19.92
N THR B 79 23.37 -83.88 19.73
CA THR B 79 23.15 -85.16 18.98
C THR B 79 23.78 -85.25 17.60
N THR B 80 24.13 -86.47 17.22
CA THR B 80 24.68 -86.77 15.89
C THR B 80 23.66 -86.37 14.79
N GLU B 81 22.36 -86.61 15.08
CA GLU B 81 21.24 -85.88 14.48
C GLU B 81 21.63 -84.38 14.16
N GLU B 82 21.88 -83.60 15.21
CA GLU B 82 21.90 -82.13 15.13
C GLU B 82 23.25 -81.66 14.63
N GLN B 83 24.26 -82.23 15.22
CA GLN B 83 25.60 -82.23 14.64
C GLN B 83 25.65 -82.25 13.09
N LEU B 84 24.83 -83.11 12.49
CA LEU B 84 24.94 -83.29 11.04
C LEU B 84 24.22 -82.18 10.34
N LEU B 85 23.04 -81.78 10.85
CA LEU B 85 22.30 -80.60 10.33
C LEU B 85 23.19 -79.37 10.29
N ALA B 86 23.97 -79.26 11.36
CA ALA B 86 24.82 -78.14 11.57
C ALA B 86 25.83 -78.03 10.44
N VAL B 87 26.70 -79.02 10.23
CA VAL B 87 27.61 -79.06 9.05
C VAL B 87 26.95 -78.64 7.74
N GLN B 88 25.75 -79.15 7.52
CA GLN B 88 25.01 -78.86 6.32
C GLN B 88 24.53 -77.46 6.31
N ALA B 89 24.12 -76.97 7.49
CA ALA B 89 23.69 -75.59 7.63
C ALA B 89 24.88 -74.65 7.36
N ILE B 90 26.04 -74.96 7.95
CA ILE B 90 27.31 -74.21 7.70
C ILE B 90 27.52 -74.02 6.22
N ARG B 91 27.25 -75.10 5.51
CA ARG B 91 27.46 -75.13 4.10
C ARG B 91 26.46 -74.28 3.32
N LYS B 92 25.17 -74.26 3.74
CA LYS B 92 24.07 -73.38 3.14
C LYS B 92 24.23 -71.97 3.61
N TYR B 93 24.80 -71.76 4.78
CA TYR B 93 24.73 -70.44 5.39
C TYR B 93 26.09 -69.72 5.64
N GLY B 94 27.02 -70.40 6.34
CA GLY B 94 28.23 -69.78 6.90
C GLY B 94 27.91 -68.76 7.99
N ARG B 95 28.96 -68.08 8.48
CA ARG B 95 28.85 -66.98 9.48
C ARG B 95 27.54 -66.97 10.33
N ASP B 96 26.41 -66.70 9.65
CA ASP B 96 25.04 -66.51 10.21
C ASP B 96 24.60 -67.30 11.47
N PHE B 97 25.46 -67.38 12.49
CA PHE B 97 25.18 -68.17 13.71
C PHE B 97 23.61 -68.29 13.99
N GLN B 98 22.86 -67.19 13.80
CA GLN B 98 21.39 -67.13 13.94
C GLN B 98 20.62 -68.14 13.09
N ALA B 99 20.75 -68.06 11.76
CA ALA B 99 20.07 -69.01 10.87
C ALA B 99 20.41 -70.42 11.31
N ILE B 100 21.69 -70.78 11.27
CA ILE B 100 22.09 -72.10 11.77
C ILE B 100 21.32 -72.52 13.05
N SER B 101 21.26 -71.67 14.06
CA SER B 101 20.43 -71.93 15.25
C SER B 101 18.91 -71.91 14.99
N ASP B 102 18.46 -71.00 14.11
CA ASP B 102 17.08 -70.98 13.65
C ASP B 102 16.76 -72.42 13.06
N VAL B 103 17.69 -73.02 12.28
CA VAL B 103 17.51 -74.35 11.56
C VAL B 103 17.40 -75.51 12.53
N ILE B 104 18.44 -75.63 13.36
CA ILE B 104 18.65 -76.79 14.20
C ILE B 104 17.48 -76.98 15.19
N GLY B 105 17.00 -75.90 15.81
CA GLY B 105 15.84 -75.92 16.74
C GLY B 105 16.18 -75.88 18.22
N ASN B 106 17.50 -75.86 18.51
CA ASN B 106 18.07 -75.66 19.85
C ASN B 106 19.61 -75.37 19.90
N LYS B 107 19.99 -74.10 19.99
CA LYS B 107 21.41 -73.72 20.24
C LYS B 107 21.64 -72.54 21.24
N SER B 108 20.99 -71.41 20.91
CA SER B 108 21.55 -70.07 21.08
C SER B 108 22.70 -69.95 20.06
N VAL B 109 22.77 -68.81 19.36
CA VAL B 109 23.95 -68.55 18.50
C VAL B 109 25.23 -68.68 19.37
N VAL B 110 24.99 -68.59 20.70
CA VAL B 110 25.80 -69.17 21.80
C VAL B 110 26.30 -70.57 21.46
N GLN B 111 25.42 -71.57 21.67
CA GLN B 111 25.78 -72.95 21.45
C GLN B 111 26.25 -73.11 19.94
N VAL B 112 25.58 -72.47 18.94
CA VAL B 112 26.01 -72.58 17.48
C VAL B 112 27.41 -71.95 17.20
N LYS B 113 27.67 -70.80 17.82
CA LYS B 113 29.00 -70.20 17.85
C LYS B 113 29.95 -71.17 18.59
N ASN B 114 29.47 -71.84 19.64
CA ASN B 114 30.23 -72.88 20.33
C ASN B 114 30.67 -74.09 19.43
N PHE B 115 29.77 -74.67 18.59
CA PHE B 115 30.19 -75.81 17.67
C PHE B 115 31.25 -75.25 16.73
N PHE B 116 30.93 -74.13 16.05
CA PHE B 116 31.89 -73.49 15.15
C PHE B 116 32.99 -73.18 16.19
N VAL B 117 34.24 -73.58 15.90
CA VAL B 117 35.35 -73.69 16.91
C VAL B 117 35.40 -75.01 17.65
N ASN B 118 34.52 -75.28 18.66
CA ASN B 118 34.58 -76.56 19.48
C ASN B 118 34.58 -77.88 18.59
N TYR B 119 33.44 -78.21 17.96
CA TYR B 119 33.36 -79.38 17.04
C TYR B 119 34.27 -79.11 15.74
N ARG B 120 34.58 -77.83 15.40
CA ARG B 120 35.52 -77.40 14.28
C ARG B 120 36.80 -78.30 14.01
N ARG B 121 37.39 -78.81 15.09
CA ARG B 121 38.52 -79.75 14.99
C ARG B 121 38.03 -80.84 14.00
N ARG B 122 37.06 -81.60 14.50
CA ARG B 122 36.68 -82.93 14.00
C ARG B 122 35.95 -82.97 12.59
N PHE B 123 35.07 -82.00 12.27
CA PHE B 123 34.39 -81.90 10.93
C PHE B 123 35.00 -80.86 10.02
N ASN B 124 35.84 -81.28 9.07
CA ASN B 124 36.84 -80.40 8.38
C ASN B 124 36.44 -78.93 8.02
N ILE B 125 35.72 -78.26 8.92
CA ILE B 125 34.92 -77.01 8.73
C ILE B 125 35.64 -75.87 7.93
N ASP B 126 36.97 -75.99 7.80
CA ASP B 126 37.74 -75.43 6.67
C ASP B 126 37.04 -75.71 5.31
N GLU B 127 37.10 -76.97 4.86
CA GLU B 127 36.34 -77.49 3.69
C GLU B 127 34.79 -77.44 3.74
N VAL B 128 34.17 -77.10 4.88
CA VAL B 128 32.70 -76.82 4.92
C VAL B 128 32.39 -75.36 4.64
N LEU B 129 33.33 -74.44 4.89
CA LEU B 129 33.18 -73.01 4.56
C LEU B 129 33.90 -72.59 3.29
N GLN B 130 34.84 -73.43 2.85
CA GLN B 130 35.53 -73.28 1.56
C GLN B 130 34.65 -73.66 0.36
N GLU B 131 33.58 -74.42 0.61
CA GLU B 131 32.55 -74.64 -0.38
C GLU B 131 31.52 -73.47 -0.36
N TRP B 132 31.31 -72.81 0.78
CA TRP B 132 30.43 -71.60 0.88
C TRP B 132 31.02 -70.30 0.30
N GLU B 133 32.35 -70.21 0.13
CA GLU B 133 32.94 -69.12 -0.69
C GLU B 133 32.75 -69.31 -2.25
N ALA B 134 32.34 -70.51 -2.71
CA ALA B 134 32.17 -70.85 -4.17
C ALA B 134 30.71 -71.17 -4.72
N GLU B 135 29.79 -71.71 -3.89
CA GLU B 135 28.37 -71.99 -4.28
C GLU B 135 27.37 -71.91 -3.10
#